data_1XGY
#
_entry.id   1XGY
#
_cell.length_a   109.721
_cell.length_b   196.646
_cell.length_c   44.173
_cell.angle_alpha   90.00
_cell.angle_beta   90.00
_cell.angle_gamma   90.00
#
_symmetry.space_group_name_H-M   'P 21 21 2'
#
loop_
_entity.id
_entity.type
_entity.pdbx_description
1 polymer 'K42-41L Fab Light Chain'
2 polymer 'K42-41L Fab Heavy Chain'
3 polymer 'Rhodopsin Epitope Mimetic Peptide'
4 water water
#
loop_
_entity_poly.entity_id
_entity_poly.type
_entity_poly.pdbx_seq_one_letter_code
_entity_poly.pdbx_strand_id
1 'polypeptide(L)'
;DIVMTQAAFSNPVTLGTSASISCRSSKSLLHSNGITYLYWYLQRPGQSPQLLIYRMSNLASGVPDRFSGSGSGTDFALRI
SRVEAEDVGVYYCGQMLEHPLTFGTGTKLELKRADAAPTVSIFPPSSEQLTSGGASVVCFLNNFYPKDINVKWKIDGSER
QNGVLNSWTDQDSKDSTYSMSSTLTLTKDEYERHNSYTCEATHKTSTSPIVKSFNR
;
L,M
2 'polypeptide(L)'
;QVQLQQSGPELVRPGASVKISCKASGYTFTDYYINWVKQRPGQGLEWIGWIFPRNGNTKYNEKFKGKATLTVDKSSSTAF
MQLSSLTSEDSAVYFCATTVSYVMDYWGQGTTVTVSSAKTTPPSVYPLAPGSAAQTNSMVTLGCLVKGYFPEPVTVTWNS
GSLSSGVHTFPAVLQSDLYTLSSSVTVPSSTWPSETVTCNVAHPASSTKVDKKIVPRDC
;
H,I
3 'polypeptide(L)' TGALQERSK P,Q
#
# COMPACT_ATOMS: atom_id res chain seq x y z
N ASP A 1 -2.15 43.73 3.47
CA ASP A 1 -2.33 42.84 2.29
C ASP A 1 -3.15 43.52 1.22
N ILE A 2 -2.66 43.48 -0.02
CA ILE A 2 -3.38 44.08 -1.14
C ILE A 2 -4.50 43.12 -1.53
N VAL A 3 -5.70 43.66 -1.75
CA VAL A 3 -6.83 42.82 -2.10
C VAL A 3 -7.25 42.99 -3.56
N MET A 4 -7.57 41.87 -4.18
CA MET A 4 -7.98 41.86 -5.58
C MET A 4 -9.39 41.32 -5.69
N THR A 5 -10.28 42.13 -6.25
CA THR A 5 -11.68 41.77 -6.42
C THR A 5 -12.09 41.48 -7.86
N GLN A 6 -12.55 40.27 -8.11
CA GLN A 6 -13.01 39.86 -9.44
C GLN A 6 -14.44 39.39 -9.30
N ALA A 7 -15.14 39.30 -10.42
CA ALA A 7 -16.51 38.81 -10.41
C ALA A 7 -16.38 37.30 -10.52
N ALA A 8 -17.44 36.59 -10.18
CA ALA A 8 -17.41 35.14 -10.25
C ALA A 8 -17.52 34.65 -11.70
N PHE A 9 -18.33 35.33 -12.50
CA PHE A 9 -18.51 34.96 -13.88
C PHE A 9 -18.52 36.20 -14.74
N SER A 10 -18.00 36.06 -15.96
CA SER A 10 -17.98 37.18 -16.89
C SER A 10 -19.36 37.23 -17.52
N ASN A 11 -19.65 38.36 -18.17
CA ASN A 11 -20.93 38.52 -18.84
C ASN A 11 -20.92 37.47 -19.93
N PRO A 12 -22.04 36.75 -20.13
CA PRO A 12 -22.17 35.70 -21.14
C PRO A 12 -21.57 36.13 -22.49
N VAL A 13 -20.77 35.27 -23.10
CA VAL A 13 -20.18 35.61 -24.39
C VAL A 13 -20.56 34.65 -25.49
N THR A 14 -21.09 35.20 -26.57
CA THR A 14 -21.46 34.39 -27.72
C THR A 14 -20.14 34.16 -28.45
N LEU A 15 -19.84 32.92 -28.81
CA LEU A 15 -18.59 32.60 -29.52
C LEU A 15 -18.30 33.60 -30.62
N GLY A 16 -17.03 33.74 -30.98
CA GLY A 16 -16.68 34.68 -32.03
C GLY A 16 -16.78 36.14 -31.64
N THR A 17 -17.57 36.42 -30.61
CA THR A 17 -17.78 37.77 -30.12
C THR A 17 -16.52 38.24 -29.37
N SER A 18 -16.67 39.34 -28.63
CA SER A 18 -15.58 39.90 -27.85
C SER A 18 -16.00 39.80 -26.37
N ALA A 19 -15.00 39.78 -25.48
CA ALA A 19 -15.25 39.67 -24.04
C ALA A 19 -14.15 40.30 -23.19
N SER A 20 -14.54 40.80 -22.01
CA SER A 20 -13.55 41.41 -21.12
C SER A 20 -13.85 41.05 -19.67
N ILE A 21 -12.80 40.81 -18.90
CA ILE A 21 -12.92 40.45 -17.49
C ILE A 21 -12.21 41.51 -16.65
N SER A 22 -12.92 42.00 -15.63
CA SER A 22 -12.41 43.05 -14.77
C SER A 22 -11.69 42.55 -13.53
N CYS A 23 -11.01 43.47 -12.87
CA CYS A 23 -10.25 43.19 -11.65
C CYS A 23 -9.77 44.51 -11.03
N ARG A 24 -10.06 44.69 -9.76
CA ARG A 24 -9.67 45.90 -9.03
C ARG A 24 -8.73 45.56 -7.90
N SER A 25 -7.68 46.36 -7.72
CA SER A 25 -6.74 46.13 -6.63
C SER A 25 -6.92 47.19 -5.55
N SER A 26 -6.91 46.77 -4.29
CA SER A 26 -7.10 47.67 -3.16
C SER A 26 -6.04 48.75 -3.02
N LYS A 27 -5.11 48.79 -3.97
CA LYS A 27 -4.02 49.75 -3.91
C LYS A 27 -3.29 49.83 -5.25
N SER A 28 -2.67 50.97 -5.53
CA SER A 28 -1.93 51.11 -6.79
C SER A 28 -0.86 50.03 -6.92
N LEU A 29 -0.76 49.46 -8.12
CA LEU A 29 0.22 48.43 -8.40
C LEU A 29 1.39 48.97 -9.23
N LEU A 30 1.54 50.29 -9.25
CA LEU A 30 2.62 50.88 -10.00
C LEU A 30 3.88 50.87 -9.14
N HIS A 31 5.02 50.61 -9.75
CA HIS A 31 6.28 50.53 -9.03
C HIS A 31 7.24 51.63 -9.48
N SER A 32 8.13 52.04 -8.57
CA SER A 32 9.12 53.08 -8.84
C SER A 32 9.66 53.00 -10.26
N ASN A 33 9.82 51.79 -10.77
CA ASN A 33 10.33 51.57 -12.13
C ASN A 33 9.34 51.82 -13.29
N GLY A 34 8.11 52.20 -12.94
CA GLY A 34 7.15 52.46 -14.00
C GLY A 34 6.38 51.24 -14.47
N ILE A 35 6.67 50.08 -13.91
CA ILE A 35 5.93 48.89 -14.32
C ILE A 35 4.78 48.67 -13.35
N THR A 36 3.60 48.40 -13.89
CA THR A 36 2.44 48.10 -13.05
C THR A 36 2.43 46.59 -12.94
N TYR A 37 2.68 46.08 -11.75
CA TYR A 37 2.73 44.64 -11.58
C TYR A 37 1.45 43.85 -11.42
N LEU A 38 0.56 43.91 -12.42
CA LEU A 38 -0.68 43.13 -12.38
C LEU A 38 -0.50 42.01 -13.38
N TYR A 39 -0.89 40.78 -13.02
CA TYR A 39 -0.73 39.66 -13.96
C TYR A 39 -2.03 38.94 -14.21
N TRP A 40 -2.10 38.25 -15.35
CA TRP A 40 -3.30 37.48 -15.71
C TRP A 40 -3.01 36.01 -15.95
N TYR A 41 -3.82 35.15 -15.35
CA TYR A 41 -3.66 33.72 -15.52
C TYR A 41 -4.99 33.07 -15.86
N LEU A 42 -4.94 32.13 -16.79
CA LEU A 42 -6.12 31.40 -17.24
C LEU A 42 -5.97 29.94 -16.84
N GLN A 43 -7.06 29.34 -16.38
CA GLN A 43 -7.05 27.94 -16.00
C GLN A 43 -8.17 27.18 -16.70
N ARG A 44 -7.83 26.61 -17.86
CA ARG A 44 -8.76 25.83 -18.66
C ARG A 44 -9.13 24.59 -17.89
N PRO A 45 -10.43 24.21 -17.87
CA PRO A 45 -10.91 23.03 -17.16
C PRO A 45 -9.99 21.83 -17.31
N GLY A 46 -9.53 21.31 -16.18
CA GLY A 46 -8.64 20.16 -16.22
C GLY A 46 -7.23 20.53 -16.63
N GLN A 47 -6.70 21.62 -16.07
CA GLN A 47 -5.35 22.04 -16.39
C GLN A 47 -4.72 22.94 -15.35
N SER A 48 -3.41 23.13 -15.51
CA SER A 48 -2.66 23.98 -14.62
C SER A 48 -2.82 25.39 -15.16
N PRO A 49 -2.66 26.39 -14.28
CA PRO A 49 -2.78 27.77 -14.72
C PRO A 49 -1.77 28.01 -15.82
N GLN A 50 -1.93 29.14 -16.50
CA GLN A 50 -1.04 29.52 -17.58
C GLN A 50 -0.97 31.03 -17.52
N LEU A 51 0.23 31.57 -17.69
CA LEU A 51 0.38 33.01 -17.66
C LEU A 51 -0.08 33.50 -19.01
N LEU A 52 -0.89 34.56 -19.01
CA LEU A 52 -1.39 35.16 -20.24
C LEU A 52 -0.81 36.55 -20.42
N ILE A 53 -1.06 37.41 -19.43
CA ILE A 53 -0.59 38.78 -19.48
C ILE A 53 0.25 39.09 -18.26
N TYR A 54 1.35 39.80 -18.46
CA TYR A 54 2.23 40.17 -17.36
C TYR A 54 2.51 41.66 -17.42
N ARG A 55 2.64 42.28 -16.25
CA ARG A 55 2.88 43.72 -16.14
C ARG A 55 1.75 44.49 -16.80
N MET A 56 0.53 44.10 -16.46
CA MET A 56 -0.69 44.73 -16.94
C MET A 56 -1.06 44.52 -18.39
N SER A 57 -0.18 44.94 -19.29
CA SER A 57 -0.47 44.87 -20.73
C SER A 57 0.35 43.97 -21.64
N ASN A 58 1.34 43.25 -21.14
CA ASN A 58 2.13 42.39 -22.03
C ASN A 58 1.66 40.94 -22.19
N LEU A 59 1.75 40.45 -23.43
CA LEU A 59 1.38 39.08 -23.79
C LEU A 59 2.57 38.15 -23.52
N ALA A 60 2.29 36.94 -23.06
CA ALA A 60 3.35 36.00 -22.80
C ALA A 60 3.50 35.17 -24.06
N SER A 61 4.75 34.98 -24.50
CA SER A 61 5.02 34.21 -25.71
C SER A 61 4.13 32.98 -25.75
N GLY A 62 3.47 32.76 -26.88
CA GLY A 62 2.60 31.61 -27.01
C GLY A 62 1.13 31.98 -26.92
N VAL A 63 0.81 33.00 -26.14
CA VAL A 63 -0.58 33.44 -26.00
C VAL A 63 -1.07 34.04 -27.31
N PRO A 64 -2.34 33.81 -27.67
CA PRO A 64 -2.91 34.36 -28.90
C PRO A 64 -2.94 35.87 -28.84
N ASP A 65 -2.95 36.50 -30.01
CA ASP A 65 -2.94 37.97 -30.16
C ASP A 65 -4.25 38.61 -29.70
N ARG A 66 -5.33 37.82 -29.75
CA ARG A 66 -6.63 38.33 -29.36
C ARG A 66 -6.80 38.43 -27.85
N PHE A 67 -5.69 38.43 -27.13
CA PHE A 67 -5.71 38.55 -25.67
C PHE A 67 -4.92 39.82 -25.38
N SER A 68 -5.60 40.83 -24.87
CA SER A 68 -4.92 42.07 -24.54
C SER A 68 -5.22 42.38 -23.08
N GLY A 69 -4.46 43.28 -22.50
CA GLY A 69 -4.69 43.63 -21.11
C GLY A 69 -4.41 45.08 -20.85
N SER A 70 -5.32 45.76 -20.17
CA SER A 70 -5.13 47.17 -19.86
C SER A 70 -5.51 47.48 -18.41
N GLY A 71 -5.56 48.76 -18.09
CA GLY A 71 -5.93 49.15 -16.74
C GLY A 71 -5.60 50.59 -16.38
N SER A 72 -6.32 51.11 -15.39
CA SER A 72 -6.11 52.46 -14.92
C SER A 72 -5.90 52.41 -13.41
N GLY A 73 -4.67 52.70 -12.98
CA GLY A 73 -4.37 52.68 -11.56
C GLY A 73 -4.65 51.36 -10.85
N THR A 74 -5.84 51.26 -10.24
CA THR A 74 -6.24 50.07 -9.51
C THR A 74 -7.35 49.33 -10.23
N ASP A 75 -7.57 49.66 -11.49
CA ASP A 75 -8.60 49.01 -12.27
C ASP A 75 -7.99 48.44 -13.53
N PHE A 76 -8.19 47.15 -13.72
CA PHE A 76 -7.64 46.44 -14.86
C PHE A 76 -8.72 45.71 -15.64
N ALA A 77 -8.33 45.15 -16.77
CA ALA A 77 -9.25 44.41 -17.60
C ALA A 77 -8.51 43.56 -18.61
N LEU A 78 -8.99 42.33 -18.78
CA LEU A 78 -8.42 41.43 -19.76
C LEU A 78 -9.44 41.38 -20.85
N ARG A 79 -9.00 41.60 -22.09
CA ARG A 79 -9.91 41.59 -23.23
C ARG A 79 -9.58 40.52 -24.27
N ILE A 80 -10.59 39.76 -24.65
CA ILE A 80 -10.45 38.69 -25.63
C ILE A 80 -11.14 39.09 -26.92
N SER A 81 -10.36 39.45 -27.93
CA SER A 81 -10.88 39.87 -29.23
C SER A 81 -12.08 39.07 -29.73
N ARG A 82 -11.84 37.81 -30.09
CA ARG A 82 -12.88 36.93 -30.58
C ARG A 82 -12.75 35.61 -29.81
N VAL A 83 -13.61 35.41 -28.82
CA VAL A 83 -13.54 34.22 -27.99
C VAL A 83 -13.74 32.91 -28.72
N GLU A 84 -12.80 31.99 -28.53
CA GLU A 84 -12.88 30.66 -29.13
C GLU A 84 -13.22 29.71 -27.99
N ALA A 85 -13.88 28.59 -28.28
CA ALA A 85 -14.24 27.63 -27.24
C ALA A 85 -13.05 27.36 -26.34
N GLU A 86 -11.90 27.13 -26.95
CA GLU A 86 -10.66 26.87 -26.25
C GLU A 86 -10.35 27.93 -25.16
N ASP A 87 -10.95 29.10 -25.27
CA ASP A 87 -10.71 30.17 -24.30
C ASP A 87 -11.51 30.05 -23.03
N VAL A 88 -12.33 29.01 -22.91
CA VAL A 88 -13.13 28.87 -21.71
C VAL A 88 -12.29 28.34 -20.55
N GLY A 89 -12.54 28.90 -19.38
CA GLY A 89 -11.82 28.51 -18.19
C GLY A 89 -12.03 29.61 -17.18
N VAL A 90 -11.29 29.55 -16.07
CA VAL A 90 -11.42 30.57 -15.06
C VAL A 90 -10.20 31.48 -15.14
N TYR A 91 -10.45 32.79 -15.14
CA TYR A 91 -9.39 33.77 -15.25
C TYR A 91 -9.09 34.39 -13.89
N TYR A 92 -7.82 34.39 -13.50
CA TYR A 92 -7.42 34.97 -12.23
C TYR A 92 -6.46 36.12 -12.47
N CYS A 93 -6.67 37.23 -11.77
CA CYS A 93 -5.76 38.35 -11.88
C CYS A 93 -4.87 38.24 -10.66
N GLY A 94 -3.64 38.71 -10.77
CA GLY A 94 -2.75 38.61 -9.64
C GLY A 94 -1.86 39.82 -9.49
N GLN A 95 -1.71 40.28 -8.25
CA GLN A 95 -0.87 41.42 -7.95
C GLN A 95 0.50 40.90 -7.53
N MET A 96 1.55 41.27 -8.27
CA MET A 96 2.90 40.83 -7.94
C MET A 96 3.75 42.03 -7.49
N LEU A 97 3.09 43.03 -6.91
CA LEU A 97 3.79 44.21 -6.46
C LEU A 97 4.52 44.04 -5.13
N GLU A 98 3.82 43.60 -4.09
CA GLU A 98 4.47 43.41 -2.81
C GLU A 98 4.03 42.11 -2.15
N HIS A 99 4.83 41.63 -1.21
CA HIS A 99 4.51 40.38 -0.50
C HIS A 99 3.42 40.66 0.54
N PRO A 100 2.47 39.74 0.69
CA PRO A 100 2.33 38.47 -0.03
C PRO A 100 1.72 38.66 -1.40
N LEU A 101 2.09 37.78 -2.32
CA LEU A 101 1.52 37.85 -3.66
C LEU A 101 0.08 37.40 -3.42
N THR A 102 -0.86 38.01 -4.11
CA THR A 102 -2.26 37.69 -3.90
C THR A 102 -3.05 37.74 -5.21
N PHE A 103 -4.04 36.87 -5.34
CA PHE A 103 -4.86 36.83 -6.56
C PHE A 103 -6.31 37.18 -6.30
N GLY A 104 -7.09 37.29 -7.37
CA GLY A 104 -8.51 37.57 -7.23
C GLY A 104 -9.22 36.22 -7.18
N THR A 105 -10.51 36.20 -6.85
CA THR A 105 -11.24 34.94 -6.75
C THR A 105 -11.32 34.23 -8.10
N GLY A 106 -10.95 34.95 -9.16
CA GLY A 106 -11.01 34.35 -10.47
C GLY A 106 -12.41 34.55 -11.06
N THR A 107 -12.48 34.68 -12.37
CA THR A 107 -13.77 34.88 -13.01
C THR A 107 -14.00 33.79 -14.04
N LYS A 108 -15.14 33.13 -13.93
CA LYS A 108 -15.48 32.08 -14.86
C LYS A 108 -16.15 32.76 -16.06
N LEU A 109 -15.64 32.44 -17.24
CA LEU A 109 -16.15 32.99 -18.48
C LEU A 109 -17.34 32.15 -18.94
N GLU A 110 -18.54 32.71 -18.81
CA GLU A 110 -19.76 32.02 -19.20
C GLU A 110 -20.10 32.32 -20.67
N LEU A 111 -20.82 31.42 -21.31
CA LEU A 111 -21.21 31.61 -22.71
C LEU A 111 -22.69 31.90 -22.82
N LYS A 112 -23.07 32.79 -23.74
CA LYS A 112 -24.48 33.11 -23.87
C LYS A 112 -25.23 31.98 -24.59
N ARG A 113 -26.34 31.59 -23.99
CA ARG A 113 -27.20 30.51 -24.49
C ARG A 113 -28.62 31.06 -24.62
N ALA A 114 -29.45 30.42 -25.44
CA ALA A 114 -30.83 30.86 -25.56
C ALA A 114 -31.54 30.22 -24.37
N ASP A 115 -32.39 30.98 -23.70
CA ASP A 115 -33.10 30.45 -22.54
C ASP A 115 -33.57 29.02 -22.77
N ALA A 116 -33.38 28.18 -21.76
CA ALA A 116 -33.77 26.79 -21.85
C ALA A 116 -34.42 26.43 -20.53
N ALA A 117 -35.53 25.70 -20.60
CA ALA A 117 -36.23 25.32 -19.39
C ALA A 117 -35.64 24.02 -18.85
N PRO A 118 -35.85 23.76 -17.55
CA PRO A 118 -35.37 22.57 -16.85
C PRO A 118 -36.13 21.30 -17.17
N THR A 119 -35.40 20.28 -17.58
CA THR A 119 -35.97 18.97 -17.87
C THR A 119 -35.92 18.28 -16.51
N VAL A 120 -37.06 18.25 -15.81
CA VAL A 120 -37.15 17.64 -14.50
C VAL A 120 -37.67 16.21 -14.49
N SER A 121 -37.09 15.41 -13.62
CA SER A 121 -37.46 14.02 -13.44
C SER A 121 -37.24 13.72 -11.97
N ILE A 122 -38.14 12.95 -11.37
CA ILE A 122 -37.98 12.59 -9.97
C ILE A 122 -37.92 11.08 -9.91
N PHE A 123 -37.23 10.55 -8.90
CA PHE A 123 -37.09 9.11 -8.75
C PHE A 123 -37.27 8.62 -7.33
N PRO A 124 -38.03 7.53 -7.16
CA PRO A 124 -38.31 6.93 -5.86
C PRO A 124 -37.11 6.13 -5.32
N PRO A 125 -36.98 6.04 -3.99
CA PRO A 125 -35.87 5.29 -3.41
C PRO A 125 -35.84 3.89 -4.01
N SER A 126 -34.64 3.47 -4.43
CA SER A 126 -34.44 2.16 -5.02
C SER A 126 -34.86 1.04 -4.08
N SER A 127 -35.13 -0.13 -4.66
CA SER A 127 -35.54 -1.30 -3.89
C SER A 127 -34.41 -1.80 -2.96
N GLU A 128 -33.19 -1.70 -3.45
CA GLU A 128 -32.02 -2.13 -2.72
C GLU A 128 -31.73 -1.24 -1.51
N GLN A 129 -31.73 0.08 -1.73
CA GLN A 129 -31.45 1.00 -0.64
C GLN A 129 -32.49 0.86 0.45
N LEU A 130 -33.73 0.57 0.05
CA LEU A 130 -34.81 0.39 0.99
C LEU A 130 -34.51 -0.79 1.92
N THR A 131 -33.49 -1.57 1.57
CA THR A 131 -33.11 -2.71 2.41
C THR A 131 -32.04 -2.23 3.38
N SER A 132 -31.26 -1.24 2.96
CA SER A 132 -30.22 -0.68 3.80
C SER A 132 -30.84 0.13 4.93
N GLY A 133 -32.17 0.18 4.95
CA GLY A 133 -32.86 0.94 5.99
C GLY A 133 -32.86 2.42 5.69
N GLY A 134 -32.57 2.77 4.44
CA GLY A 134 -32.53 4.16 4.05
C GLY A 134 -33.30 4.36 2.75
N ALA A 135 -33.69 5.61 2.49
CA ALA A 135 -34.43 5.93 1.28
C ALA A 135 -34.20 7.38 0.88
N SER A 136 -33.56 7.56 -0.27
CA SER A 136 -33.31 8.91 -0.77
C SER A 136 -34.03 9.08 -2.11
N VAL A 137 -34.64 10.24 -2.28
CA VAL A 137 -35.39 10.55 -3.47
C VAL A 137 -34.52 11.48 -4.28
N VAL A 138 -34.21 11.08 -5.51
CA VAL A 138 -33.35 11.87 -6.37
C VAL A 138 -34.17 12.60 -7.39
N CYS A 139 -33.80 13.84 -7.69
CA CYS A 139 -34.52 14.63 -8.66
C CYS A 139 -33.54 15.38 -9.57
N PHE A 140 -33.63 15.16 -10.87
CA PHE A 140 -32.74 15.81 -11.83
C PHE A 140 -33.36 16.98 -12.57
N LEU A 141 -32.60 18.07 -12.66
CA LEU A 141 -32.99 19.27 -13.39
C LEU A 141 -31.87 19.45 -14.36
N ASN A 142 -32.04 18.96 -15.58
CA ASN A 142 -30.94 19.02 -16.53
C ASN A 142 -31.15 19.93 -17.73
N ASN A 143 -30.05 20.32 -18.34
CA ASN A 143 -30.06 21.17 -19.52
C ASN A 143 -30.92 22.43 -19.45
N PHE A 144 -30.67 23.28 -18.46
CA PHE A 144 -31.40 24.53 -18.30
C PHE A 144 -30.46 25.71 -18.47
N TYR A 145 -31.06 26.88 -18.69
CA TYR A 145 -30.30 28.13 -18.88
C TYR A 145 -31.31 29.29 -18.74
N PRO A 146 -30.88 30.40 -18.11
CA PRO A 146 -29.56 30.60 -17.55
C PRO A 146 -29.36 29.72 -16.32
N LYS A 147 -28.14 29.76 -15.77
CA LYS A 147 -27.78 28.93 -14.62
C LYS A 147 -28.61 29.07 -13.34
N ASP A 148 -28.99 30.28 -12.97
CA ASP A 148 -29.76 30.47 -11.75
C ASP A 148 -31.03 29.63 -11.67
N ILE A 149 -31.08 28.71 -10.72
CA ILE A 149 -32.24 27.84 -10.55
C ILE A 149 -32.48 27.58 -9.06
N ASN A 150 -33.71 27.24 -8.71
CA ASN A 150 -34.07 26.95 -7.32
C ASN A 150 -34.98 25.72 -7.21
N VAL A 151 -34.75 24.89 -6.21
CA VAL A 151 -35.55 23.68 -6.06
C VAL A 151 -35.96 23.44 -4.61
N LYS A 152 -37.23 23.10 -4.45
CA LYS A 152 -37.79 22.82 -3.13
C LYS A 152 -38.45 21.45 -3.12
N TRP A 153 -38.23 20.72 -2.03
CA TRP A 153 -38.81 19.39 -1.90
C TRP A 153 -40.06 19.48 -1.03
N LYS A 154 -41.07 18.71 -1.41
CA LYS A 154 -42.28 18.70 -0.62
C LYS A 154 -42.67 17.27 -0.34
N ILE A 155 -43.18 17.06 0.85
CA ILE A 155 -43.63 15.72 1.22
C ILE A 155 -45.09 15.87 1.67
N ASP A 156 -45.98 15.39 0.82
CA ASP A 156 -47.40 15.50 1.11
C ASP A 156 -47.79 16.97 1.19
N GLY A 157 -47.38 17.75 0.19
CA GLY A 157 -47.68 19.17 0.14
C GLY A 157 -47.06 20.10 1.17
N SER A 158 -46.01 19.65 1.87
CA SER A 158 -45.35 20.48 2.87
C SER A 158 -43.82 20.42 2.74
N GLU A 159 -43.24 21.51 2.26
CA GLU A 159 -41.80 21.62 2.05
C GLU A 159 -40.96 21.00 3.19
N ARG A 160 -39.74 20.60 2.85
CA ARG A 160 -38.79 20.03 3.79
C ARG A 160 -37.40 20.44 3.34
N GLN A 161 -36.66 21.13 4.21
CA GLN A 161 -35.33 21.58 3.87
C GLN A 161 -34.25 20.57 4.25
N ASN A 162 -34.48 19.84 5.34
CA ASN A 162 -33.50 18.88 5.82
C ASN A 162 -33.41 17.62 4.96
N GLY A 163 -32.20 17.08 4.85
CA GLY A 163 -31.98 15.87 4.07
C GLY A 163 -31.72 16.14 2.59
N VAL A 164 -31.66 17.41 2.21
CA VAL A 164 -31.42 17.76 0.84
C VAL A 164 -29.95 18.00 0.51
N LEU A 165 -29.48 17.40 -0.59
CA LEU A 165 -28.10 17.56 -1.04
C LEU A 165 -28.06 17.95 -2.52
N ASN A 166 -27.37 19.03 -2.84
CA ASN A 166 -27.32 19.49 -4.21
C ASN A 166 -25.95 19.48 -4.88
N SER A 167 -25.97 19.25 -6.19
CA SER A 167 -24.77 19.24 -7.00
C SER A 167 -25.10 20.00 -8.27
N TRP A 168 -24.09 20.65 -8.84
CA TRP A 168 -24.31 21.48 -10.04
C TRP A 168 -23.21 21.27 -11.05
N THR A 169 -23.58 21.00 -12.30
CA THR A 169 -22.56 20.79 -13.32
C THR A 169 -22.08 22.16 -13.77
N ASP A 170 -20.95 22.22 -14.46
CA ASP A 170 -20.42 23.48 -14.97
C ASP A 170 -21.04 23.65 -16.36
N GLN A 171 -21.01 24.85 -16.92
CA GLN A 171 -21.58 25.06 -18.24
C GLN A 171 -21.03 23.99 -19.16
N ASP A 172 -21.95 23.29 -19.85
CA ASP A 172 -21.60 22.21 -20.78
C ASP A 172 -20.66 22.67 -21.90
N SER A 173 -20.06 21.72 -22.60
CA SER A 173 -19.14 22.07 -23.68
C SER A 173 -19.76 21.98 -25.05
N LYS A 174 -21.05 21.66 -25.08
CA LYS A 174 -21.78 21.54 -26.32
C LYS A 174 -23.10 22.29 -26.24
N ASP A 175 -23.71 22.26 -25.06
CA ASP A 175 -24.98 22.92 -24.80
C ASP A 175 -24.82 24.36 -24.31
N SER A 176 -23.74 24.60 -23.55
CA SER A 176 -23.50 25.90 -22.95
C SER A 176 -24.65 25.98 -21.94
N THR A 177 -25.16 24.80 -21.66
CA THR A 177 -26.27 24.56 -20.74
C THR A 177 -25.82 24.23 -19.34
N TYR A 178 -26.77 24.24 -18.41
CA TYR A 178 -26.50 23.92 -17.03
C TYR A 178 -27.46 22.84 -16.54
N SER A 179 -27.01 22.03 -15.58
CA SER A 179 -27.82 20.97 -15.02
C SER A 179 -27.62 20.92 -13.51
N MET A 180 -28.55 20.27 -12.82
CA MET A 180 -28.49 20.18 -11.37
C MET A 180 -29.13 18.88 -10.83
N SER A 181 -28.60 18.37 -9.73
CA SER A 181 -29.12 17.16 -9.11
C SER A 181 -29.43 17.38 -7.65
N SER A 182 -30.64 17.07 -7.24
CA SER A 182 -31.02 17.24 -5.85
C SER A 182 -31.29 15.88 -5.24
N THR A 183 -31.02 15.74 -3.95
CA THR A 183 -31.25 14.46 -3.31
C THR A 183 -31.74 14.63 -1.89
N LEU A 184 -32.93 14.10 -1.64
CA LEU A 184 -33.57 14.14 -0.34
C LEU A 184 -33.42 12.78 0.32
N THR A 185 -32.57 12.68 1.33
CA THR A 185 -32.36 11.39 1.97
C THR A 185 -33.07 11.25 3.31
N LEU A 186 -34.04 10.34 3.36
CA LEU A 186 -34.80 10.08 4.57
C LEU A 186 -34.58 8.66 5.06
N THR A 187 -35.27 8.33 6.15
CA THR A 187 -35.21 7.01 6.75
C THR A 187 -36.24 6.16 6.01
N LYS A 188 -35.97 4.85 5.88
CA LYS A 188 -36.92 3.99 5.21
C LYS A 188 -38.23 4.14 5.97
N ASP A 189 -38.13 4.27 7.28
CA ASP A 189 -39.32 4.42 8.11
C ASP A 189 -40.00 5.77 7.92
N GLU A 190 -39.23 6.85 7.89
CA GLU A 190 -39.87 8.15 7.70
C GLU A 190 -40.46 8.22 6.28
N TYR A 191 -39.74 7.63 5.33
CA TYR A 191 -40.17 7.60 3.94
C TYR A 191 -41.52 6.92 3.81
N GLU A 192 -41.67 5.78 4.49
CA GLU A 192 -42.91 5.03 4.42
C GLU A 192 -44.04 5.59 5.26
N ARG A 193 -43.77 6.63 6.05
CA ARG A 193 -44.83 7.22 6.88
C ARG A 193 -45.63 8.26 6.11
N HIS A 194 -45.18 8.57 4.90
CA HIS A 194 -45.86 9.54 4.05
C HIS A 194 -46.07 8.92 2.69
N ASN A 195 -46.82 9.60 1.83
CA ASN A 195 -47.11 9.03 0.52
C ASN A 195 -46.80 9.89 -0.68
N SER A 196 -46.87 11.21 -0.53
CA SER A 196 -46.61 12.06 -1.69
C SER A 196 -45.29 12.84 -1.61
N TYR A 197 -44.44 12.67 -2.63
CA TYR A 197 -43.15 13.32 -2.71
C TYR A 197 -43.15 14.18 -3.97
N THR A 198 -42.82 15.45 -3.84
CA THR A 198 -42.79 16.34 -4.97
C THR A 198 -41.51 17.13 -5.09
N CYS A 199 -41.05 17.28 -6.33
CA CYS A 199 -39.84 18.03 -6.62
C CYS A 199 -40.22 19.22 -7.48
N GLU A 200 -40.08 20.42 -6.93
CA GLU A 200 -40.43 21.64 -7.64
C GLU A 200 -39.23 22.48 -8.00
N ALA A 201 -39.21 22.91 -9.25
CA ALA A 201 -38.13 23.72 -9.75
C ALA A 201 -38.64 25.10 -10.10
N THR A 202 -37.99 26.13 -9.59
CA THR A 202 -38.37 27.50 -9.89
C THR A 202 -37.25 28.09 -10.73
N HIS A 203 -37.54 28.31 -12.01
CA HIS A 203 -36.56 28.86 -12.94
C HIS A 203 -37.18 29.97 -13.77
N LYS A 204 -36.33 30.91 -14.18
CA LYS A 204 -36.74 32.05 -14.97
C LYS A 204 -37.57 31.76 -16.22
N THR A 205 -37.32 30.63 -16.86
CA THR A 205 -38.05 30.29 -18.09
C THR A 205 -39.58 30.27 -17.94
N SER A 206 -40.06 29.86 -16.77
CA SER A 206 -41.49 29.80 -16.55
C SER A 206 -41.90 30.62 -15.34
N THR A 207 -43.20 30.87 -15.26
CA THR A 207 -43.77 31.65 -14.17
C THR A 207 -44.10 30.68 -13.04
N SER A 208 -44.69 29.55 -13.41
CA SER A 208 -45.07 28.54 -12.44
C SER A 208 -43.93 27.57 -12.19
N PRO A 209 -43.70 27.19 -10.92
CA PRO A 209 -42.61 26.25 -10.67
C PRO A 209 -42.89 24.99 -11.47
N ILE A 210 -41.85 24.35 -11.99
CA ILE A 210 -42.07 23.12 -12.74
C ILE A 210 -42.25 22.08 -11.65
N VAL A 211 -43.31 21.27 -11.78
CA VAL A 211 -43.61 20.29 -10.74
C VAL A 211 -43.62 18.81 -11.15
N LYS A 212 -42.77 18.05 -10.47
CA LYS A 212 -42.66 16.62 -10.69
C LYS A 212 -42.82 15.99 -9.33
N SER A 213 -43.63 14.95 -9.24
CA SER A 213 -43.87 14.28 -7.99
C SER A 213 -44.31 12.84 -8.19
N PHE A 214 -44.38 12.11 -7.10
CA PHE A 214 -44.81 10.71 -7.13
C PHE A 214 -45.31 10.37 -5.73
N ASN A 215 -46.08 9.30 -5.61
CA ASN A 215 -46.58 8.88 -4.30
C ASN A 215 -46.31 7.38 -4.19
N ARG A 216 -46.43 6.82 -2.99
CA ARG A 216 -46.18 5.39 -2.76
C ARG A 216 -45.47 4.74 -3.93
N GLN B 1 10.51 22.09 -23.45
CA GLN B 1 11.76 21.64 -22.79
C GLN B 1 11.78 21.98 -21.31
N VAL B 2 11.10 23.06 -20.92
CA VAL B 2 11.05 23.43 -19.52
C VAL B 2 9.81 22.77 -18.94
N GLN B 3 10.00 21.90 -17.96
CA GLN B 3 8.90 21.16 -17.34
C GLN B 3 9.07 20.99 -15.83
N LEU B 4 7.96 21.03 -15.10
CA LEU B 4 7.98 20.85 -13.66
C LEU B 4 7.04 19.70 -13.33
N GLN B 5 7.61 18.62 -12.82
CA GLN B 5 6.83 17.44 -12.48
C GLN B 5 6.59 17.38 -10.98
N GLN B 6 5.36 17.65 -10.56
CA GLN B 6 5.04 17.60 -9.13
C GLN B 6 4.69 16.18 -8.72
N SER B 7 4.72 15.94 -7.41
CA SER B 7 4.38 14.63 -6.85
C SER B 7 2.95 14.25 -7.19
N GLY B 8 2.58 13.01 -6.88
CA GLY B 8 1.23 12.54 -7.13
C GLY B 8 0.18 12.88 -6.08
N PRO B 9 -1.05 12.37 -6.23
CA PRO B 9 -2.20 12.58 -5.33
C PRO B 9 -1.90 12.03 -3.94
N GLU B 10 -2.30 12.77 -2.92
CA GLU B 10 -2.04 12.35 -1.56
C GLU B 10 -3.29 12.34 -0.70
N LEU B 11 -3.40 11.30 0.13
CA LEU B 11 -4.51 11.17 1.07
C LEU B 11 -3.85 11.07 2.43
N VAL B 12 -4.11 12.02 3.31
CA VAL B 12 -3.46 11.98 4.60
C VAL B 12 -4.42 12.17 5.76
N ARG B 13 -4.01 11.64 6.92
CA ARG B 13 -4.81 11.72 8.13
C ARG B 13 -4.52 12.99 8.90
N PRO B 14 -5.57 13.61 9.46
CA PRO B 14 -5.40 14.85 10.21
C PRO B 14 -4.37 14.60 11.27
N GLY B 15 -3.47 15.54 11.43
CA GLY B 15 -2.41 15.41 12.41
C GLY B 15 -1.09 15.21 11.70
N ALA B 16 -1.10 14.28 10.75
CA ALA B 16 0.08 13.95 9.95
C ALA B 16 0.57 15.14 9.13
N SER B 17 1.64 14.92 8.37
CA SER B 17 2.20 15.96 7.52
C SER B 17 2.52 15.37 6.16
N VAL B 18 2.54 16.21 5.12
CA VAL B 18 2.84 15.74 3.77
C VAL B 18 3.92 16.52 3.06
N LYS B 19 4.72 15.80 2.28
CA LYS B 19 5.76 16.45 1.51
C LYS B 19 5.42 16.25 0.04
N ILE B 20 5.27 17.37 -0.67
CA ILE B 20 4.98 17.33 -2.08
C ILE B 20 6.27 17.69 -2.79
N SER B 21 6.59 16.98 -3.87
CA SER B 21 7.81 17.29 -4.62
C SER B 21 7.42 18.00 -5.91
N CYS B 22 8.41 18.64 -6.53
CA CYS B 22 8.25 19.41 -7.75
C CYS B 22 9.63 19.38 -8.43
N LYS B 23 9.87 18.34 -9.25
CA LYS B 23 11.15 18.17 -9.95
C LYS B 23 11.23 19.00 -11.22
N ALA B 24 12.29 19.79 -11.37
CA ALA B 24 12.42 20.64 -12.55
C ALA B 24 13.41 20.16 -13.59
N SER B 25 13.13 20.53 -14.84
CA SER B 25 13.97 20.16 -15.98
C SER B 25 13.80 21.20 -17.08
N GLY B 26 14.85 21.42 -17.87
CA GLY B 26 14.74 22.38 -18.95
C GLY B 26 15.38 23.74 -18.74
N TYR B 27 15.80 24.05 -17.52
CA TYR B 27 16.44 25.34 -17.22
C TYR B 27 17.32 25.14 -16.02
N THR B 28 18.28 26.04 -15.81
CA THR B 28 19.15 25.90 -14.66
C THR B 28 18.35 26.15 -13.39
N PHE B 29 18.00 25.05 -12.76
CA PHE B 29 17.22 25.02 -11.54
C PHE B 29 17.64 26.01 -10.47
N THR B 30 18.94 26.08 -10.19
CA THR B 30 19.44 26.95 -9.14
C THR B 30 19.20 28.45 -9.27
N ASP B 31 18.98 28.95 -10.48
CA ASP B 31 18.80 30.40 -10.60
C ASP B 31 17.41 30.99 -10.69
N TYR B 32 16.37 30.21 -10.42
CA TYR B 32 15.03 30.75 -10.51
C TYR B 32 14.10 30.39 -9.38
N TYR B 33 13.43 31.39 -8.84
CA TYR B 33 12.51 31.20 -7.75
C TYR B 33 11.42 30.18 -8.12
N ILE B 34 10.94 29.46 -7.11
CA ILE B 34 9.90 28.46 -7.31
C ILE B 34 8.80 28.86 -6.29
N ASN B 35 7.63 29.23 -6.80
CA ASN B 35 6.51 29.64 -5.96
C ASN B 35 5.56 28.49 -5.62
N TRP B 36 4.94 28.54 -4.45
CA TRP B 36 3.96 27.52 -4.11
C TRP B 36 2.61 28.21 -3.90
N VAL B 37 1.60 27.68 -4.56
CA VAL B 37 0.28 28.25 -4.47
C VAL B 37 -0.69 27.18 -4.00
N LYS B 38 -1.76 27.60 -3.34
CA LYS B 38 -2.78 26.70 -2.83
C LYS B 38 -4.14 27.02 -3.39
N GLN B 39 -4.80 26.03 -3.97
CA GLN B 39 -6.12 26.29 -4.54
C GLN B 39 -7.19 25.37 -4.00
N ARG B 40 -8.08 25.94 -3.21
CA ARG B 40 -9.18 25.19 -2.63
C ARG B 40 -10.44 25.42 -3.46
N PRO B 41 -11.18 24.34 -3.74
CA PRO B 41 -12.42 24.39 -4.52
C PRO B 41 -13.29 25.65 -4.33
N GLY B 42 -13.32 26.19 -3.12
CA GLY B 42 -14.15 27.37 -2.87
C GLY B 42 -13.44 28.70 -2.76
N GLN B 43 -12.15 28.73 -3.05
CA GLN B 43 -11.39 29.98 -2.96
C GLN B 43 -10.72 30.34 -4.29
N GLY B 44 -9.74 31.24 -4.23
CA GLY B 44 -9.03 31.63 -5.43
C GLY B 44 -7.71 30.92 -5.31
N LEU B 45 -6.65 31.52 -5.82
CA LEU B 45 -5.33 30.92 -5.70
C LEU B 45 -4.63 31.65 -4.57
N GLU B 46 -4.26 30.92 -3.53
CA GLU B 46 -3.58 31.52 -2.39
C GLU B 46 -2.07 31.24 -2.42
N TRP B 47 -1.26 32.30 -2.43
CA TRP B 47 0.20 32.19 -2.49
C TRP B 47 0.86 31.77 -1.17
N ILE B 48 1.54 30.62 -1.18
CA ILE B 48 2.19 30.10 0.04
C ILE B 48 3.54 30.74 0.36
N GLY B 49 4.37 30.84 -0.66
CA GLY B 49 5.69 31.44 -0.50
C GLY B 49 6.57 30.97 -1.63
N TRP B 50 7.83 31.41 -1.63
CA TRP B 50 8.78 30.96 -2.65
C TRP B 50 10.11 30.62 -2.02
N ILE B 51 10.96 29.95 -2.79
CA ILE B 51 12.27 29.53 -2.32
C ILE B 51 13.24 29.72 -3.49
N PHE B 52 14.43 30.22 -3.21
CA PHE B 52 15.41 30.39 -4.29
C PHE B 52 16.33 29.19 -4.16
N PRO B 53 16.29 28.27 -5.14
CA PRO B 53 17.11 27.07 -5.11
C PRO B 53 18.59 27.24 -4.80
N ARG B 54 19.28 28.19 -5.44
CA ARG B 54 20.70 28.34 -5.19
C ARG B 54 21.10 28.42 -3.71
N ASN B 55 20.68 29.46 -3.02
CA ASN B 55 21.04 29.61 -1.62
C ASN B 55 19.91 29.25 -0.66
N GLY B 56 18.89 28.55 -1.17
CA GLY B 56 17.77 28.16 -0.32
C GLY B 56 17.09 29.28 0.45
N ASN B 57 17.21 30.53 -0.01
CA ASN B 57 16.55 31.66 0.65
C ASN B 57 15.07 31.31 0.59
N THR B 58 14.25 31.88 1.47
CA THR B 58 12.83 31.55 1.46
C THR B 58 11.91 32.60 2.10
N LYS B 59 10.78 32.89 1.47
CA LYS B 59 9.85 33.85 2.04
C LYS B 59 8.45 33.24 2.03
N TYR B 60 7.73 33.41 3.14
CA TYR B 60 6.38 32.86 3.25
C TYR B 60 5.30 33.92 3.42
N ASN B 61 4.07 33.50 3.22
CA ASN B 61 2.92 34.37 3.39
C ASN B 61 2.49 34.10 4.83
N GLU B 62 2.62 35.09 5.70
CA GLU B 62 2.21 34.91 7.09
C GLU B 62 1.13 33.85 7.29
N LYS B 63 0.10 33.87 6.46
CA LYS B 63 -0.98 32.91 6.60
C LYS B 63 -0.51 31.45 6.54
N PHE B 64 0.67 31.22 5.99
CA PHE B 64 1.22 29.86 5.92
C PHE B 64 2.46 29.85 6.79
N LYS B 65 2.22 30.35 8.01
CA LYS B 65 3.15 30.53 9.12
C LYS B 65 4.17 29.43 9.31
N GLY B 66 3.75 28.43 10.07
CA GLY B 66 4.55 27.27 10.38
C GLY B 66 3.78 26.08 9.83
N LYS B 67 3.04 26.31 8.74
CA LYS B 67 2.27 25.26 8.11
C LYS B 67 3.18 24.69 7.04
N ALA B 68 3.54 25.55 6.10
CA ALA B 68 4.39 25.16 4.98
C ALA B 68 5.87 25.40 5.21
N THR B 69 6.69 24.43 4.81
CA THR B 69 8.14 24.57 4.90
C THR B 69 8.67 24.17 3.53
N LEU B 70 9.33 25.13 2.87
CA LEU B 70 9.87 24.89 1.55
C LEU B 70 11.32 24.49 1.69
N THR B 71 11.74 23.49 0.92
CA THR B 71 13.12 23.05 0.91
C THR B 71 13.46 22.72 -0.52
N VAL B 72 14.75 22.55 -0.78
CA VAL B 72 15.23 22.25 -2.11
C VAL B 72 16.37 21.23 -2.13
N ASP B 73 16.40 20.37 -3.14
CA ASP B 73 17.46 19.39 -3.28
C ASP B 73 18.20 19.72 -4.57
N LYS B 74 19.26 20.52 -4.46
CA LYS B 74 20.01 20.93 -5.64
C LYS B 74 20.33 19.74 -6.54
N SER B 75 20.71 18.62 -5.94
CA SER B 75 21.08 17.42 -6.69
C SER B 75 19.98 16.67 -7.46
N SER B 76 18.74 17.13 -7.36
CA SER B 76 17.64 16.48 -8.10
C SER B 76 16.86 17.53 -8.86
N SER B 77 17.28 18.78 -8.71
CA SER B 77 16.60 19.89 -9.34
C SER B 77 15.16 19.74 -8.88
N THR B 78 15.03 19.36 -7.62
CA THR B 78 13.72 19.15 -7.00
C THR B 78 13.46 20.09 -5.84
N ALA B 79 12.23 20.55 -5.77
CA ALA B 79 11.79 21.44 -4.69
C ALA B 79 10.67 20.69 -3.95
N PHE B 80 10.61 20.92 -2.65
CA PHE B 80 9.60 20.29 -1.84
C PHE B 80 8.89 21.30 -0.97
N MET B 81 7.63 21.03 -0.69
CA MET B 81 6.87 21.87 0.21
C MET B 81 6.27 20.88 1.18
N GLN B 82 6.44 21.16 2.47
CA GLN B 82 5.93 20.27 3.50
C GLN B 82 4.91 20.97 4.37
N LEU B 83 3.72 20.40 4.41
CA LEU B 83 2.64 20.93 5.22
C LEU B 83 2.57 20.01 6.43
N SER B 84 2.57 20.59 7.62
CA SER B 84 2.57 19.83 8.87
C SER B 84 1.34 20.06 9.73
N SER B 85 1.02 19.10 10.58
CA SER B 85 -0.13 19.24 11.47
C SER B 85 -1.44 19.35 10.66
N LEU B 86 -1.53 18.57 9.60
CA LEU B 86 -2.67 18.58 8.69
C LEU B 86 -4.10 18.62 9.25
N THR B 87 -4.90 19.50 8.65
CA THR B 87 -6.29 19.70 9.03
C THR B 87 -7.09 19.69 7.74
N SER B 88 -8.39 19.43 7.83
CA SER B 88 -9.23 19.40 6.64
C SER B 88 -9.21 20.74 5.90
N GLU B 89 -8.80 21.80 6.59
CA GLU B 89 -8.71 23.13 5.98
C GLU B 89 -7.51 23.15 5.03
N ASP B 90 -6.70 22.09 5.07
CA ASP B 90 -5.54 22.01 4.21
C ASP B 90 -5.81 21.22 2.97
N SER B 91 -6.98 20.58 2.91
CA SER B 91 -7.34 19.82 1.71
C SER B 91 -7.39 20.84 0.59
N ALA B 92 -6.57 20.65 -0.44
CA ALA B 92 -6.55 21.57 -1.54
C ALA B 92 -5.55 21.04 -2.54
N VAL B 93 -5.42 21.78 -3.64
CA VAL B 93 -4.48 21.43 -4.66
C VAL B 93 -3.28 22.32 -4.39
N TYR B 94 -2.08 21.79 -4.58
CA TYR B 94 -0.88 22.56 -4.32
C TYR B 94 0.06 22.63 -5.52
N PHE B 95 0.10 23.80 -6.15
CA PHE B 95 0.94 24.03 -7.32
C PHE B 95 2.30 24.58 -6.95
N CYS B 96 3.26 24.37 -7.85
CA CYS B 96 4.59 24.92 -7.71
C CYS B 96 4.76 25.64 -9.04
N ALA B 97 5.07 26.93 -8.96
CA ALA B 97 5.24 27.76 -10.15
C ALA B 97 6.55 28.50 -10.11
N THR B 98 7.39 28.23 -11.11
CA THR B 98 8.66 28.94 -11.17
C THR B 98 8.52 30.21 -12.00
N THR B 99 9.38 31.19 -11.71
CA THR B 99 9.37 32.43 -12.46
C THR B 99 10.63 32.42 -13.30
N VAL B 100 10.51 32.00 -14.56
CA VAL B 100 11.68 31.96 -15.45
C VAL B 100 11.91 33.31 -16.10
N SER B 101 10.90 33.83 -16.80
CA SER B 101 11.02 35.13 -17.44
C SER B 101 10.13 36.13 -16.72
N TYR B 102 8.90 35.70 -16.46
CA TYR B 102 7.92 36.54 -15.78
C TYR B 102 7.18 35.72 -14.72
N VAL B 103 6.83 36.37 -13.62
CA VAL B 103 6.18 35.69 -12.50
C VAL B 103 5.31 34.48 -12.78
N MET B 104 5.75 33.34 -12.28
CA MET B 104 5.01 32.09 -12.42
C MET B 104 4.53 31.83 -13.85
N ASP B 105 5.48 31.86 -14.78
CA ASP B 105 5.19 31.61 -16.17
C ASP B 105 5.28 30.12 -16.52
N TYR B 106 5.54 29.27 -15.52
CA TYR B 106 5.60 27.81 -15.71
C TYR B 106 5.01 27.13 -14.50
N TRP B 107 3.89 26.44 -14.70
CA TRP B 107 3.22 25.80 -13.59
C TRP B 107 3.33 24.29 -13.46
N GLY B 108 3.29 23.80 -12.23
CA GLY B 108 3.36 22.37 -11.95
C GLY B 108 2.03 21.70 -12.22
N GLN B 109 1.96 20.39 -11.99
CA GLN B 109 0.75 19.61 -12.26
C GLN B 109 -0.43 19.86 -11.34
N GLY B 110 -0.17 20.31 -10.11
CA GLY B 110 -1.28 20.60 -9.22
C GLY B 110 -1.74 19.38 -8.44
N THR B 111 -0.86 18.89 -7.59
CA THR B 111 -1.14 17.74 -6.76
C THR B 111 -2.43 18.00 -5.96
N THR B 112 -3.04 16.94 -5.43
CA THR B 112 -4.28 17.09 -4.66
C THR B 112 -4.26 16.45 -3.28
N VAL B 113 -3.97 17.25 -2.26
CA VAL B 113 -3.91 16.71 -0.91
C VAL B 113 -5.30 16.64 -0.27
N THR B 114 -5.65 15.44 0.19
CA THR B 114 -6.94 15.23 0.84
C THR B 114 -6.73 14.74 2.26
N VAL B 115 -7.24 15.49 3.22
CA VAL B 115 -7.10 15.13 4.63
C VAL B 115 -8.44 14.68 5.19
N SER B 116 -8.49 13.43 5.60
CA SER B 116 -9.70 12.84 6.12
C SER B 116 -9.32 11.68 7.01
N SER B 117 -10.19 11.34 7.94
CA SER B 117 -9.93 10.21 8.84
C SER B 117 -10.74 9.01 8.38
N ALA B 118 -11.51 9.22 7.32
CA ALA B 118 -12.39 8.18 6.78
C ALA B 118 -11.64 6.97 6.26
N LYS B 119 -12.31 5.82 6.32
CA LYS B 119 -11.74 4.57 5.85
C LYS B 119 -12.24 4.29 4.44
N THR B 120 -11.43 3.62 3.63
CA THR B 120 -11.88 3.35 2.28
C THR B 120 -13.16 2.55 2.40
N THR B 121 -14.24 3.05 1.81
CA THR B 121 -15.53 2.36 1.84
C THR B 121 -16.09 2.23 0.44
N PRO B 122 -16.61 1.03 0.11
CA PRO B 122 -17.20 0.72 -1.19
C PRO B 122 -18.50 1.44 -1.42
N PRO B 123 -18.67 1.93 -2.65
CA PRO B 123 -19.87 2.66 -3.04
C PRO B 123 -21.09 1.75 -3.15
N SER B 124 -22.23 2.24 -2.68
CA SER B 124 -23.49 1.51 -2.77
C SER B 124 -24.18 2.15 -3.96
N VAL B 125 -24.27 1.41 -5.07
CA VAL B 125 -24.89 1.94 -6.27
C VAL B 125 -26.32 1.49 -6.47
N TYR B 126 -27.25 2.44 -6.38
CA TYR B 126 -28.67 2.14 -6.54
C TYR B 126 -29.20 2.65 -7.87
N PRO B 127 -30.03 1.84 -8.55
CA PRO B 127 -30.56 2.29 -9.84
C PRO B 127 -31.66 3.32 -9.64
N LEU B 128 -31.72 4.30 -10.54
CA LEU B 128 -32.76 5.33 -10.48
C LEU B 128 -33.63 5.14 -11.71
N ALA B 129 -34.71 4.39 -11.55
CA ALA B 129 -35.63 4.13 -12.64
C ALA B 129 -36.91 4.94 -12.52
N PRO B 130 -37.43 5.41 -13.66
CA PRO B 130 -38.65 6.21 -13.75
C PRO B 130 -39.77 5.63 -12.87
N GLY B 131 -40.45 6.51 -12.13
CA GLY B 131 -41.53 6.07 -11.25
C GLY B 131 -42.69 5.40 -11.99
N SER B 132 -43.56 6.21 -12.59
CA SER B 132 -44.70 5.67 -13.34
C SER B 132 -44.57 6.05 -14.82
N ALA B 133 -44.22 5.06 -15.63
CA ALA B 133 -44.07 5.27 -17.05
C ALA B 133 -45.00 4.31 -17.79
N THR B 136 -45.17 7.77 -20.46
CA THR B 136 -45.90 8.92 -21.03
C THR B 136 -45.17 9.60 -22.18
N ASN B 137 -44.21 10.44 -21.82
CA ASN B 137 -43.41 11.24 -22.75
C ASN B 137 -42.67 10.47 -23.88
N SER B 138 -41.82 11.18 -24.61
CA SER B 138 -41.07 10.59 -25.73
C SER B 138 -39.60 10.30 -25.46
N MET B 139 -39.02 10.97 -24.46
CA MET B 139 -37.63 10.77 -24.05
C MET B 139 -37.68 10.29 -22.62
N VAL B 140 -36.75 9.45 -22.20
CA VAL B 140 -36.77 8.98 -20.82
C VAL B 140 -35.42 9.19 -20.16
N THR B 141 -35.44 9.60 -18.89
CA THR B 141 -34.21 9.81 -18.15
C THR B 141 -34.12 8.83 -17.00
N LEU B 142 -33.02 8.10 -16.98
CA LEU B 142 -32.75 7.11 -15.93
C LEU B 142 -31.51 7.63 -15.23
N GLY B 143 -31.16 7.03 -14.11
CA GLY B 143 -29.97 7.47 -13.41
C GLY B 143 -29.45 6.46 -12.41
N CYS B 144 -28.29 6.76 -11.86
CA CYS B 144 -27.67 5.90 -10.86
C CYS B 144 -27.20 6.78 -9.73
N LEU B 145 -27.30 6.24 -8.52
CA LEU B 145 -26.86 6.94 -7.31
C LEU B 145 -25.68 6.14 -6.75
N VAL B 146 -24.52 6.78 -6.68
CA VAL B 146 -23.31 6.16 -6.15
C VAL B 146 -23.22 6.74 -4.74
N LYS B 147 -23.74 6.01 -3.76
CA LYS B 147 -23.79 6.52 -2.38
C LYS B 147 -22.76 6.07 -1.35
N GLY B 148 -22.39 7.01 -0.49
CA GLY B 148 -21.44 6.77 0.60
C GLY B 148 -20.14 6.04 0.30
N TYR B 149 -19.25 6.69 -0.42
CA TYR B 149 -17.97 6.08 -0.73
C TYR B 149 -16.85 6.99 -0.27
N PHE B 150 -15.62 6.47 -0.25
CA PHE B 150 -14.45 7.24 0.11
C PHE B 150 -13.22 6.42 -0.25
N PRO B 151 -12.20 7.07 -0.80
CA PRO B 151 -12.15 8.50 -1.10
C PRO B 151 -12.51 8.65 -2.58
N GLU B 152 -12.21 9.79 -3.15
CA GLU B 152 -12.48 10.00 -4.57
C GLU B 152 -11.34 9.41 -5.37
N PRO B 153 -11.57 9.09 -6.64
CA PRO B 153 -12.83 9.28 -7.35
C PRO B 153 -13.52 7.96 -7.67
N VAL B 154 -14.52 8.06 -8.53
CA VAL B 154 -15.28 6.92 -9.00
C VAL B 154 -15.53 7.27 -10.44
N THR B 155 -15.42 6.27 -11.31
CA THR B 155 -15.67 6.51 -12.72
C THR B 155 -17.00 5.90 -13.10
N VAL B 156 -17.90 6.73 -13.62
CA VAL B 156 -19.21 6.24 -14.07
C VAL B 156 -19.34 6.26 -15.60
N THR B 157 -19.96 5.23 -16.14
CA THR B 157 -20.17 5.08 -17.58
C THR B 157 -21.48 4.36 -17.78
N TRP B 158 -22.06 4.48 -18.98
CA TRP B 158 -23.31 3.80 -19.28
C TRP B 158 -23.10 2.83 -20.44
N ASN B 159 -23.51 1.58 -20.23
CA ASN B 159 -23.33 0.55 -21.24
C ASN B 159 -21.87 0.52 -21.68
N SER B 160 -20.98 0.34 -20.70
CA SER B 160 -19.54 0.26 -20.94
C SER B 160 -18.98 1.43 -21.72
N GLY B 161 -19.72 2.53 -21.75
CA GLY B 161 -19.25 3.72 -22.44
C GLY B 161 -19.90 4.02 -23.78
N SER B 162 -20.44 3.00 -24.43
CA SER B 162 -21.06 3.24 -25.73
C SER B 162 -22.19 4.24 -25.62
N LEU B 163 -23.01 4.12 -24.58
CA LEU B 163 -24.12 5.04 -24.38
C LEU B 163 -23.63 6.28 -23.63
N SER B 164 -22.74 7.02 -24.28
CA SER B 164 -22.15 8.23 -23.70
C SER B 164 -22.84 9.48 -24.24
N SER B 165 -23.88 9.25 -25.05
CA SER B 165 -24.64 10.33 -25.66
C SER B 165 -24.89 11.52 -24.72
N GLY B 166 -26.09 11.58 -24.16
CA GLY B 166 -26.45 12.68 -23.26
C GLY B 166 -26.49 12.30 -21.80
N VAL B 167 -25.32 11.96 -21.28
CA VAL B 167 -25.18 11.57 -19.89
C VAL B 167 -24.74 12.81 -19.11
N HIS B 168 -24.94 12.77 -17.80
CA HIS B 168 -24.58 13.86 -16.89
C HIS B 168 -24.13 13.24 -15.54
N THR B 169 -22.84 13.27 -15.26
CA THR B 169 -22.34 12.75 -13.98
C THR B 169 -22.09 13.96 -13.10
N PHE B 170 -22.83 14.06 -11.99
CA PHE B 170 -22.70 15.20 -11.10
C PHE B 170 -21.59 15.12 -10.09
N PRO B 171 -21.01 16.28 -9.73
CA PRO B 171 -19.92 16.34 -8.76
C PRO B 171 -20.35 15.63 -7.49
N ALA B 172 -19.38 15.06 -6.78
CA ALA B 172 -19.71 14.37 -5.56
C ALA B 172 -19.86 15.38 -4.43
N VAL B 173 -20.61 15.02 -3.39
CA VAL B 173 -20.83 15.87 -2.22
C VAL B 173 -20.39 15.08 -1.00
N LEU B 174 -19.86 15.78 -0.01
CA LEU B 174 -19.38 15.13 1.19
C LEU B 174 -20.41 15.21 2.32
N GLN B 175 -20.98 14.06 2.68
CA GLN B 175 -21.98 13.99 3.75
C GLN B 175 -21.49 13.03 4.83
N SER B 176 -21.07 13.59 5.96
CA SER B 176 -20.58 12.77 7.06
C SER B 176 -19.34 12.01 6.66
N ASP B 177 -18.37 12.71 6.09
CA ASP B 177 -17.11 12.10 5.69
C ASP B 177 -17.14 11.13 4.52
N LEU B 178 -18.29 10.99 3.86
CA LEU B 178 -18.41 10.10 2.71
C LEU B 178 -18.97 10.82 1.50
N TYR B 179 -18.42 10.53 0.32
CA TYR B 179 -18.87 11.16 -0.92
C TYR B 179 -20.07 10.45 -1.54
N THR B 180 -20.89 11.22 -2.26
CA THR B 180 -22.06 10.70 -2.94
C THR B 180 -22.32 11.51 -4.20
N LEU B 181 -22.32 10.86 -5.36
CA LEU B 181 -22.62 11.56 -6.60
C LEU B 181 -23.67 10.73 -7.29
N SER B 182 -24.29 11.33 -8.30
CA SER B 182 -25.33 10.66 -9.08
C SER B 182 -25.07 10.93 -10.55
N SER B 183 -25.48 10.00 -11.39
CA SER B 183 -25.30 10.17 -12.83
C SER B 183 -26.63 9.88 -13.54
N SER B 184 -26.97 10.74 -14.49
CA SER B 184 -28.22 10.57 -15.24
C SER B 184 -27.91 10.36 -16.70
N VAL B 185 -28.72 9.53 -17.34
CA VAL B 185 -28.54 9.23 -18.75
C VAL B 185 -29.92 9.37 -19.39
N THR B 186 -29.98 10.02 -20.54
CA THR B 186 -31.25 10.22 -21.23
C THR B 186 -31.34 9.52 -22.59
N VAL B 187 -32.30 8.61 -22.70
CA VAL B 187 -32.49 7.86 -23.94
C VAL B 187 -33.97 7.84 -24.39
N PRO B 188 -34.20 7.52 -25.68
CA PRO B 188 -35.54 7.44 -26.27
C PRO B 188 -36.39 6.37 -25.60
N SER B 189 -37.68 6.65 -25.43
CA SER B 189 -38.58 5.70 -24.80
C SER B 189 -38.65 4.38 -25.53
N SER B 190 -38.62 4.43 -26.86
CA SER B 190 -38.68 3.23 -27.70
C SER B 190 -37.52 2.29 -27.40
N THR B 191 -36.54 2.81 -26.68
CA THR B 191 -35.35 2.04 -26.37
C THR B 191 -35.22 1.69 -24.89
N TRP B 192 -36.34 1.70 -24.15
CA TRP B 192 -36.26 1.35 -22.73
C TRP B 192 -37.67 1.32 -22.12
N PRO B 193 -38.02 0.25 -21.41
CA PRO B 193 -37.24 -0.95 -21.09
C PRO B 193 -36.84 -1.76 -22.33
N SER B 194 -37.37 -1.40 -23.50
CA SER B 194 -37.08 -2.11 -24.73
C SER B 194 -35.73 -2.81 -24.65
N GLU B 195 -34.67 -2.00 -24.57
CA GLU B 195 -33.30 -2.50 -24.47
C GLU B 195 -32.80 -2.24 -23.06
N THR B 196 -31.71 -2.88 -22.63
CA THR B 196 -31.21 -2.62 -21.28
C THR B 196 -30.32 -1.40 -21.21
N VAL B 197 -30.38 -0.74 -20.05
CA VAL B 197 -29.57 0.43 -19.79
C VAL B 197 -28.81 0.10 -18.51
N THR B 198 -27.48 0.20 -18.56
CA THR B 198 -26.67 -0.11 -17.40
C THR B 198 -25.59 0.91 -17.11
N CYS B 199 -25.40 1.25 -15.83
CA CYS B 199 -24.34 2.18 -15.44
C CYS B 199 -23.19 1.35 -14.85
N ASN B 200 -21.96 1.71 -15.20
CA ASN B 200 -20.78 1.02 -14.70
C ASN B 200 -20.05 1.90 -13.70
N VAL B 201 -20.14 1.55 -12.43
CA VAL B 201 -19.48 2.34 -11.41
C VAL B 201 -18.22 1.66 -10.94
N ALA B 202 -17.10 2.35 -11.10
CA ALA B 202 -15.81 1.83 -10.67
C ALA B 202 -15.24 2.72 -9.55
N HIS B 203 -14.67 2.08 -8.55
CA HIS B 203 -14.05 2.79 -7.43
C HIS B 203 -12.73 2.08 -7.13
N PRO B 204 -11.64 2.56 -7.75
CA PRO B 204 -10.28 2.03 -7.62
C PRO B 204 -9.84 1.74 -6.18
N ALA B 205 -9.96 2.75 -5.33
CA ALA B 205 -9.58 2.60 -3.93
C ALA B 205 -10.01 1.27 -3.31
N SER B 206 -11.31 0.97 -3.42
CA SER B 206 -11.88 -0.25 -2.88
C SER B 206 -11.89 -1.41 -3.87
N SER B 207 -11.25 -1.21 -5.01
CA SER B 207 -11.19 -2.26 -6.02
C SER B 207 -12.56 -2.82 -6.43
N THR B 208 -13.63 -2.07 -6.20
CA THR B 208 -14.92 -2.60 -6.58
C THR B 208 -15.35 -2.06 -7.93
N LYS B 209 -16.17 -2.84 -8.60
CA LYS B 209 -16.73 -2.47 -9.90
C LYS B 209 -18.13 -3.05 -9.91
N VAL B 210 -19.15 -2.20 -10.05
CA VAL B 210 -20.51 -2.70 -10.06
C VAL B 210 -21.26 -2.36 -11.34
N ASP B 211 -22.09 -3.29 -11.79
CA ASP B 211 -22.91 -3.09 -12.97
C ASP B 211 -24.33 -3.13 -12.46
N LYS B 212 -25.03 -2.03 -12.68
CA LYS B 212 -26.40 -1.91 -12.22
C LYS B 212 -27.35 -1.96 -13.40
N LYS B 213 -28.21 -2.97 -13.42
CA LYS B 213 -29.18 -3.11 -14.49
C LYS B 213 -30.37 -2.24 -14.14
N ILE B 214 -30.57 -1.19 -14.92
CA ILE B 214 -31.68 -0.28 -14.66
C ILE B 214 -32.98 -1.00 -15.00
N VAL B 215 -33.70 -1.43 -13.97
CA VAL B 215 -34.95 -2.14 -14.21
C VAL B 215 -36.15 -1.37 -13.68
N PRO B 216 -37.33 -1.64 -14.28
CA PRO B 216 -38.58 -0.99 -13.88
C PRO B 216 -38.96 -1.31 -12.42
N ARG B 217 -39.53 -0.33 -11.74
CA ARG B 217 -39.95 -0.45 -10.36
C ARG B 217 -41.01 -1.53 -10.12
N ASP B 218 -41.33 -1.74 -8.85
CA ASP B 218 -42.32 -2.73 -8.42
C ASP B 218 -42.89 -2.34 -7.03
N ASP C 1 -2.93 -13.83 -10.80
CA ASP C 1 -2.06 -13.69 -9.58
C ASP C 1 -0.74 -13.00 -9.91
N ILE C 2 -0.46 -11.87 -9.26
CA ILE C 2 0.78 -11.15 -9.49
C ILE C 2 1.93 -11.90 -8.83
N VAL C 3 3.01 -12.12 -9.57
CA VAL C 3 4.16 -12.86 -9.04
C VAL C 3 5.40 -12.03 -8.66
N MET C 4 5.93 -12.28 -7.48
CA MET C 4 7.09 -11.55 -7.01
C MET C 4 8.30 -12.47 -7.00
N THR C 5 9.36 -12.06 -7.70
CA THR C 5 10.57 -12.86 -7.76
C THR C 5 11.74 -12.24 -7.04
N GLN C 6 12.36 -13.00 -6.16
CA GLN C 6 13.52 -12.55 -5.41
C GLN C 6 14.55 -13.67 -5.42
N ALA C 7 15.80 -13.31 -5.13
CA ALA C 7 16.86 -14.31 -5.07
C ALA C 7 16.78 -14.88 -3.67
N ALA C 8 17.38 -16.04 -3.45
CA ALA C 8 17.32 -16.65 -2.13
C ALA C 8 18.29 -15.97 -1.16
N PHE C 9 19.42 -15.51 -1.68
CA PHE C 9 20.40 -14.82 -0.88
C PHE C 9 20.96 -13.62 -1.64
N SER C 10 21.39 -12.63 -0.87
CA SER C 10 21.96 -11.44 -1.46
C SER C 10 23.42 -11.74 -1.58
N ASN C 11 24.10 -10.96 -2.41
CA ASN C 11 25.52 -11.13 -2.59
C ASN C 11 26.11 -10.89 -1.20
N PRO C 12 27.09 -11.71 -0.81
CA PRO C 12 27.76 -11.63 0.49
C PRO C 12 28.15 -10.19 0.80
N VAL C 13 27.75 -9.67 1.96
CA VAL C 13 28.07 -8.29 2.30
C VAL C 13 29.04 -8.14 3.46
N THR C 14 30.11 -7.39 3.24
CA THR C 14 31.09 -7.17 4.29
C THR C 14 30.49 -6.11 5.18
N LEU C 15 30.46 -6.35 6.48
CA LEU C 15 29.93 -5.36 7.41
C LEU C 15 30.47 -3.98 7.09
N GLY C 16 29.66 -2.96 7.37
CA GLY C 16 30.08 -1.60 7.12
C GLY C 16 29.88 -1.15 5.67
N THR C 17 29.86 -2.11 4.75
CA THR C 17 29.68 -1.83 3.33
C THR C 17 28.21 -1.55 2.99
N SER C 18 27.90 -1.52 1.71
CA SER C 18 26.54 -1.29 1.25
C SER C 18 25.98 -2.59 0.71
N ALA C 19 24.68 -2.61 0.47
CA ALA C 19 24.05 -3.80 -0.05
C ALA C 19 22.69 -3.43 -0.61
N SER C 20 22.22 -4.21 -1.57
CA SER C 20 20.92 -3.96 -2.14
C SER C 20 20.34 -5.31 -2.51
N ILE C 21 19.03 -5.44 -2.32
CA ILE C 21 18.32 -6.68 -2.62
C ILE C 21 17.31 -6.37 -3.72
N SER C 22 17.20 -7.24 -4.71
CA SER C 22 16.25 -6.98 -5.81
C SER C 22 14.94 -7.73 -5.70
N CYS C 23 13.99 -7.37 -6.56
CA CYS C 23 12.69 -8.00 -6.56
C CYS C 23 11.90 -7.45 -7.72
N ARG C 24 11.43 -8.35 -8.60
CA ARG C 24 10.65 -7.98 -9.77
C ARG C 24 9.21 -8.49 -9.63
N SER C 25 8.27 -7.76 -10.20
CA SER C 25 6.87 -8.13 -10.13
C SER C 25 6.35 -8.42 -11.54
N SER C 26 5.64 -9.52 -11.69
CA SER C 26 5.10 -9.91 -12.98
C SER C 26 4.19 -8.85 -13.61
N LYS C 27 3.95 -7.75 -12.90
CA LYS C 27 3.06 -6.70 -13.40
C LYS C 27 3.25 -5.36 -12.68
N SER C 28 2.97 -4.26 -13.38
CA SER C 28 3.10 -2.92 -12.81
C SER C 28 2.32 -2.86 -11.50
N LEU C 29 2.92 -2.22 -10.50
CA LEU C 29 2.30 -2.09 -9.21
C LEU C 29 1.79 -0.67 -9.01
N LEU C 30 1.78 0.11 -10.07
CA LEU C 30 1.33 1.48 -10.02
C LEU C 30 -0.19 1.53 -9.98
N HIS C 31 -0.71 2.44 -9.19
CA HIS C 31 -2.15 2.57 -9.02
C HIS C 31 -2.64 3.93 -9.51
N SER C 32 -3.91 4.00 -9.90
CA SER C 32 -4.52 5.24 -10.40
C SER C 32 -4.08 6.46 -9.60
N ASN C 33 -3.90 6.27 -8.30
CA ASN C 33 -3.49 7.35 -7.41
C ASN C 33 -2.00 7.72 -7.46
N GLY C 34 -1.24 7.07 -8.33
CA GLY C 34 0.18 7.35 -8.46
C GLY C 34 1.10 6.65 -7.48
N ILE C 35 0.53 5.84 -6.62
CA ILE C 35 1.30 5.13 -5.63
C ILE C 35 1.66 3.74 -6.15
N THR C 36 2.92 3.36 -6.04
CA THR C 36 3.33 2.04 -6.48
C THR C 36 3.28 1.21 -5.20
N TYR C 37 2.37 0.24 -5.17
CA TYR C 37 2.20 -0.56 -3.97
C TYR C 37 3.11 -1.76 -3.73
N LEU C 38 4.41 -1.50 -3.67
CA LEU C 38 5.39 -2.53 -3.36
C LEU C 38 5.78 -2.24 -1.92
N TYR C 39 6.05 -3.28 -1.13
CA TYR C 39 6.42 -3.10 0.28
C TYR C 39 7.65 -3.93 0.63
N TRP C 40 8.28 -3.63 1.76
CA TRP C 40 9.46 -4.37 2.17
C TRP C 40 9.39 -4.80 3.62
N TYR C 41 9.58 -6.09 3.86
CA TYR C 41 9.56 -6.62 5.23
C TYR C 41 10.85 -7.37 5.54
N LEU C 42 11.33 -7.22 6.77
CA LEU C 42 12.54 -7.89 7.20
C LEU C 42 12.23 -8.79 8.38
N GLN C 43 12.73 -10.01 8.31
CA GLN C 43 12.53 -10.92 9.40
C GLN C 43 13.87 -11.37 9.94
N ARG C 44 14.29 -10.76 11.04
CA ARG C 44 15.53 -11.15 11.66
C ARG C 44 15.25 -12.53 12.26
N PRO C 45 16.25 -13.43 12.24
CA PRO C 45 16.13 -14.79 12.73
C PRO C 45 15.75 -14.84 14.20
N GLY C 46 14.55 -15.34 14.47
CA GLY C 46 14.06 -15.44 15.83
C GLY C 46 12.78 -14.67 16.01
N GLN C 47 12.79 -13.42 15.52
CA GLN C 47 11.65 -12.51 15.64
C GLN C 47 10.58 -12.56 14.55
N SER C 48 9.65 -11.62 14.70
CA SER C 48 8.54 -11.43 13.78
C SER C 48 8.96 -10.43 12.70
N PRO C 49 8.32 -10.53 11.53
CA PRO C 49 8.59 -9.67 10.39
C PRO C 49 8.25 -8.23 10.77
N GLN C 50 8.96 -7.29 10.15
CA GLN C 50 8.68 -5.90 10.44
C GLN C 50 8.59 -5.22 9.09
N LEU C 51 7.78 -4.18 9.01
CA LEU C 51 7.65 -3.44 7.78
C LEU C 51 8.80 -2.43 7.78
N LEU C 52 9.50 -2.33 6.64
CA LEU C 52 10.61 -1.40 6.49
C LEU C 52 10.25 -0.32 5.50
N ILE C 53 9.90 -0.73 4.29
CA ILE C 53 9.55 0.22 3.24
C ILE C 53 8.12 -0.01 2.75
N TYR C 54 7.41 1.08 2.48
CA TYR C 54 6.05 0.98 2.00
C TYR C 54 5.86 1.90 0.79
N ARG C 55 4.97 1.50 -0.11
CA ARG C 55 4.72 2.27 -1.31
C ARG C 55 6.00 2.48 -2.09
N MET C 56 6.80 1.43 -2.21
CA MET C 56 8.05 1.46 -2.97
C MET C 56 9.26 2.20 -2.38
N SER C 57 9.06 3.41 -1.86
CA SER C 57 10.19 4.18 -1.35
C SER C 57 10.08 4.88 -0.02
N ASN C 58 9.08 4.58 0.79
CA ASN C 58 8.96 5.28 2.06
C ASN C 58 9.36 4.47 3.28
N LEU C 59 10.17 5.07 4.16
CA LEU C 59 10.59 4.40 5.38
C LEU C 59 9.42 4.40 6.34
N ALA C 60 9.37 3.39 7.21
CA ALA C 60 8.33 3.30 8.20
C ALA C 60 8.97 3.79 9.51
N SER C 61 8.22 4.56 10.29
CA SER C 61 8.75 5.06 11.55
C SER C 61 9.50 3.96 12.31
N GLY C 62 10.70 4.28 12.77
CA GLY C 62 11.48 3.30 13.48
C GLY C 62 12.63 2.75 12.67
N VAL C 63 12.43 2.64 11.36
CA VAL C 63 13.47 2.11 10.48
C VAL C 63 14.64 3.08 10.24
N PRO C 64 15.88 2.56 10.28
CA PRO C 64 17.04 3.43 10.06
C PRO C 64 17.02 3.97 8.64
N ASP C 65 17.45 5.20 8.49
CA ASP C 65 17.47 5.85 7.19
C ASP C 65 18.54 5.22 6.29
N ARG C 66 19.31 4.26 6.81
CA ARG C 66 20.34 3.60 6.00
C ARG C 66 19.62 2.61 5.09
N PHE C 67 18.29 2.62 5.16
CA PHE C 67 17.45 1.75 4.37
C PHE C 67 16.83 2.55 3.26
N SER C 68 16.96 2.08 2.04
CA SER C 68 16.40 2.78 0.90
C SER C 68 15.51 1.86 0.12
N GLY C 69 14.59 2.47 -0.63
CA GLY C 69 13.69 1.69 -1.43
C GLY C 69 13.40 2.43 -2.71
N SER C 70 13.74 1.82 -3.84
CA SER C 70 13.47 2.42 -5.13
C SER C 70 12.97 1.36 -6.09
N GLY C 71 12.80 1.75 -7.34
CA GLY C 71 12.31 0.81 -8.33
C GLY C 71 11.83 1.43 -9.63
N SER C 72 11.84 0.62 -10.68
CA SER C 72 11.41 1.05 -12.01
C SER C 72 10.34 0.13 -12.56
N GLY C 73 9.11 0.62 -12.56
CA GLY C 73 7.99 -0.15 -13.06
C GLY C 73 7.80 -1.46 -12.32
N THR C 74 8.41 -2.51 -12.83
CA THR C 74 8.28 -3.82 -12.21
C THR C 74 9.58 -4.28 -11.57
N ASP C 75 10.58 -3.40 -11.54
CA ASP C 75 11.84 -3.76 -10.92
C ASP C 75 12.15 -2.86 -9.75
N PHE C 76 12.35 -3.48 -8.59
CA PHE C 76 12.61 -2.76 -7.37
C PHE C 76 13.87 -3.20 -6.68
N ALA C 77 14.25 -2.46 -5.64
CA ALA C 77 15.45 -2.76 -4.90
C ALA C 77 15.51 -2.05 -3.55
N LEU C 78 15.85 -2.82 -2.53
CA LEU C 78 15.98 -2.29 -1.20
C LEU C 78 17.47 -2.10 -1.04
N ARG C 79 17.88 -0.92 -0.61
CA ARG C 79 19.31 -0.65 -0.42
C ARG C 79 19.62 -0.40 1.06
N ILE C 80 20.73 -0.93 1.54
CA ILE C 80 21.15 -0.71 2.92
C ILE C 80 22.49 0.05 2.83
N SER C 81 22.51 1.30 3.31
CA SER C 81 23.71 2.13 3.26
C SER C 81 24.96 1.48 3.84
N ARG C 82 24.91 1.16 5.12
CA ARG C 82 26.06 0.52 5.75
C ARG C 82 25.51 -0.58 6.64
N VAL C 83 25.56 -1.81 6.17
CA VAL C 83 25.02 -2.93 6.92
C VAL C 83 25.65 -3.17 8.28
N GLU C 84 24.80 -3.32 9.29
CA GLU C 84 25.23 -3.58 10.65
C GLU C 84 24.81 -5.04 10.88
N ALA C 85 25.63 -5.79 11.61
CA ALA C 85 25.36 -7.20 11.89
C ALA C 85 23.93 -7.45 12.33
N GLU C 86 23.28 -6.39 12.81
CA GLU C 86 21.91 -6.49 13.30
C GLU C 86 20.88 -6.36 12.20
N ASP C 87 21.33 -6.15 10.96
CA ASP C 87 20.45 -6.02 9.79
C ASP C 87 20.22 -7.38 9.17
N VAL C 88 20.94 -8.39 9.66
CA VAL C 88 20.83 -9.74 9.11
C VAL C 88 19.44 -10.35 9.31
N GLY C 89 19.00 -11.11 8.32
CA GLY C 89 17.69 -11.74 8.38
C GLY C 89 17.21 -11.91 6.95
N VAL C 90 15.95 -12.26 6.76
CA VAL C 90 15.45 -12.45 5.40
C VAL C 90 14.54 -11.28 5.02
N TYR C 91 14.74 -10.76 3.81
CA TYR C 91 13.97 -9.63 3.28
C TYR C 91 12.94 -10.01 2.20
N TYR C 92 11.66 -9.94 2.56
CA TYR C 92 10.58 -10.25 1.62
C TYR C 92 10.00 -8.98 1.03
N CYS C 93 9.73 -9.01 -0.26
CA CYS C 93 9.13 -7.86 -0.90
C CYS C 93 7.70 -8.30 -1.03
N GLY C 94 6.78 -7.35 -1.10
CA GLY C 94 5.38 -7.72 -1.21
C GLY C 94 4.59 -6.74 -2.04
N GLN C 95 3.64 -7.27 -2.80
CA GLN C 95 2.78 -6.46 -3.64
C GLN C 95 1.44 -6.32 -2.97
N MET C 96 1.07 -5.08 -2.66
CA MET C 96 -0.21 -4.83 -2.01
C MET C 96 -1.10 -4.12 -3.01
N LEU C 97 -0.87 -4.35 -4.29
CA LEU C 97 -1.66 -3.68 -5.30
C LEU C 97 -3.05 -4.26 -5.44
N GLU C 98 -3.14 -5.54 -5.77
CA GLU C 98 -4.43 -6.17 -5.95
C GLU C 98 -4.50 -7.52 -5.26
N HIS C 99 -5.72 -7.95 -4.93
CA HIS C 99 -5.91 -9.24 -4.27
C HIS C 99 -5.65 -10.35 -5.28
N PRO C 100 -5.00 -11.46 -4.84
CA PRO C 100 -4.53 -11.68 -3.47
C PRO C 100 -3.20 -10.98 -3.23
N LEU C 101 -2.96 -10.64 -1.97
CA LEU C 101 -1.71 -9.99 -1.60
C LEU C 101 -0.66 -11.10 -1.71
N THR C 102 0.49 -10.79 -2.30
CA THR C 102 1.52 -11.79 -2.48
C THR C 102 2.95 -11.27 -2.22
N PHE C 103 3.79 -12.16 -1.69
CA PHE C 103 5.17 -11.84 -1.39
C PHE C 103 6.15 -12.61 -2.26
N GLY C 104 7.41 -12.20 -2.22
CA GLY C 104 8.43 -12.91 -2.95
C GLY C 104 8.83 -14.05 -2.04
N THR C 105 9.89 -14.76 -2.41
CA THR C 105 10.36 -15.90 -1.63
C THR C 105 11.17 -15.46 -0.43
N GLY C 106 11.75 -14.27 -0.50
CA GLY C 106 12.57 -13.78 0.60
C GLY C 106 14.03 -13.88 0.20
N THR C 107 14.86 -13.08 0.84
CA THR C 107 16.29 -13.05 0.55
C THR C 107 17.04 -12.82 1.86
N LYS C 108 17.87 -13.77 2.28
CA LYS C 108 18.61 -13.58 3.52
C LYS C 108 19.89 -12.77 3.32
N LEU C 109 20.20 -11.93 4.28
CA LEU C 109 21.38 -11.07 4.25
C LEU C 109 22.55 -11.81 4.89
N GLU C 110 23.50 -12.24 4.06
CA GLU C 110 24.68 -12.96 4.52
C GLU C 110 25.88 -12.05 4.73
N LEU C 111 26.74 -12.37 5.69
CA LEU C 111 27.92 -11.55 5.96
C LEU C 111 29.13 -12.15 5.27
N LYS C 112 30.08 -11.31 4.88
CA LYS C 112 31.27 -11.79 4.22
C LYS C 112 32.29 -12.23 5.24
N ARG C 113 32.94 -13.34 4.91
CA ARG C 113 33.92 -13.96 5.76
C ARG C 113 35.07 -14.30 4.81
N ALA C 114 36.21 -14.63 5.40
CA ALA C 114 37.37 -15.03 4.63
C ALA C 114 37.18 -16.52 4.46
N ASP C 115 37.56 -17.06 3.31
CA ASP C 115 37.40 -18.49 3.09
C ASP C 115 37.86 -19.37 4.25
N ALA C 116 37.07 -20.39 4.56
CA ALA C 116 37.38 -21.32 5.65
C ALA C 116 37.14 -22.73 5.20
N ALA C 117 38.11 -23.60 5.43
CA ALA C 117 37.98 -24.99 5.03
C ALA C 117 37.14 -25.80 6.01
N PRO C 118 36.46 -26.83 5.53
CA PRO C 118 35.62 -27.68 6.39
C PRO C 118 36.44 -28.49 7.38
N THR C 119 35.99 -28.56 8.62
CA THR C 119 36.65 -29.37 9.63
C THR C 119 35.75 -30.58 9.68
N VAL C 120 36.11 -31.60 8.90
CA VAL C 120 35.35 -32.83 8.79
C VAL C 120 35.72 -33.92 9.77
N SER C 121 34.70 -34.53 10.37
CA SER C 121 34.83 -35.63 11.33
C SER C 121 33.80 -36.73 11.00
N ILE C 122 34.23 -37.99 11.06
CA ILE C 122 33.31 -39.10 10.78
C ILE C 122 33.22 -39.99 12.02
N PHE C 123 32.04 -40.57 12.25
CA PHE C 123 31.85 -41.41 13.42
C PHE C 123 31.14 -42.71 13.11
N PRO C 124 31.61 -43.81 13.73
CA PRO C 124 31.02 -45.14 13.55
C PRO C 124 29.73 -45.26 14.35
N PRO C 125 28.86 -46.20 13.95
CA PRO C 125 27.60 -46.39 14.67
C PRO C 125 27.92 -46.69 16.14
N SER C 126 27.18 -46.06 17.05
CA SER C 126 27.40 -46.28 18.47
C SER C 126 27.18 -47.72 18.86
N SER C 127 27.79 -48.11 19.96
CA SER C 127 27.70 -49.47 20.46
C SER C 127 26.25 -49.77 20.79
N GLU C 128 25.58 -48.83 21.44
CA GLU C 128 24.19 -48.98 21.83
C GLU C 128 23.24 -49.16 20.65
N GLN C 129 23.25 -48.20 19.72
CA GLN C 129 22.37 -48.27 18.56
C GLN C 129 22.53 -49.62 17.86
N LEU C 130 23.75 -50.14 17.84
CA LEU C 130 24.00 -51.44 17.21
C LEU C 130 23.26 -52.53 17.96
N THR C 131 22.63 -52.15 19.07
CA THR C 131 21.88 -53.09 19.88
C THR C 131 20.39 -53.00 19.55
N SER C 132 20.00 -51.96 18.82
CA SER C 132 18.61 -51.77 18.45
C SER C 132 18.42 -52.29 17.03
N GLY C 133 19.49 -52.83 16.48
CA GLY C 133 19.43 -53.38 15.13
C GLY C 133 19.67 -52.36 14.04
N GLY C 134 20.01 -51.13 14.44
CA GLY C 134 20.26 -50.09 13.47
C GLY C 134 21.68 -49.54 13.60
N ALA C 135 22.18 -48.96 12.50
CA ALA C 135 23.51 -48.39 12.50
C ALA C 135 23.52 -47.18 11.61
N SER C 136 23.88 -46.04 12.19
CA SER C 136 23.94 -44.78 11.45
C SER C 136 25.33 -44.17 11.64
N VAL C 137 25.93 -43.76 10.52
CA VAL C 137 27.25 -43.14 10.52
C VAL C 137 27.08 -41.64 10.41
N VAL C 138 27.60 -40.91 11.38
CA VAL C 138 27.48 -39.46 11.38
C VAL C 138 28.76 -38.78 10.94
N CYS C 139 28.63 -37.78 10.07
CA CYS C 139 29.76 -37.03 9.55
C CYS C 139 29.50 -35.54 9.79
N PHE C 140 30.39 -34.88 10.52
CA PHE C 140 30.27 -33.44 10.83
C PHE C 140 31.22 -32.60 9.99
N LEU C 141 30.66 -31.64 9.27
CA LEU C 141 31.46 -30.73 8.45
C LEU C 141 31.24 -29.40 9.15
N ASN C 142 32.24 -28.97 9.92
CA ASN C 142 32.10 -27.75 10.70
C ASN C 142 32.93 -26.55 10.31
N ASN C 143 32.35 -25.40 10.60
CA ASN C 143 32.96 -24.10 10.37
C ASN C 143 33.58 -23.81 9.02
N PHE C 144 32.75 -23.86 7.98
CA PHE C 144 33.21 -23.59 6.63
C PHE C 144 32.66 -22.29 6.06
N TYR C 145 33.25 -21.85 4.97
CA TYR C 145 32.83 -20.64 4.27
C TYR C 145 33.56 -20.65 2.94
N PRO C 146 32.87 -20.36 1.84
CA PRO C 146 31.44 -20.03 1.77
C PRO C 146 30.49 -21.18 2.14
N LYS C 147 29.20 -20.89 2.22
CA LYS C 147 28.20 -21.89 2.60
C LYS C 147 28.05 -23.05 1.64
N ASP C 148 28.19 -22.78 0.35
CA ASP C 148 28.04 -23.82 -0.65
C ASP C 148 28.97 -25.00 -0.44
N ILE C 149 28.39 -26.14 -0.07
CA ILE C 149 29.15 -27.38 0.15
C ILE C 149 28.36 -28.58 -0.31
N ASN C 150 29.09 -29.64 -0.67
CA ASN C 150 28.47 -30.88 -1.12
C ASN C 150 29.12 -32.11 -0.46
N VAL C 151 28.30 -33.10 -0.10
CA VAL C 151 28.80 -34.31 0.55
C VAL C 151 28.27 -35.64 0.00
N LYS C 152 29.20 -36.55 -0.30
CA LYS C 152 28.84 -37.86 -0.81
C LYS C 152 29.34 -38.93 0.16
N TRP C 153 28.56 -40.00 0.31
CA TRP C 153 28.95 -41.08 1.19
C TRP C 153 29.36 -42.26 0.32
N LYS C 154 30.53 -42.84 0.61
CA LYS C 154 31.00 -43.99 -0.16
C LYS C 154 31.33 -45.16 0.74
N ILE C 155 30.57 -46.23 0.58
CA ILE C 155 30.79 -47.41 1.37
C ILE C 155 31.65 -48.37 0.52
N ASP C 156 32.85 -48.67 1.00
CA ASP C 156 33.76 -49.54 0.28
C ASP C 156 34.00 -49.07 -1.15
N GLY C 157 34.43 -47.81 -1.28
CA GLY C 157 34.72 -47.25 -2.58
C GLY C 157 33.58 -47.10 -3.56
N SER C 158 32.35 -47.10 -3.06
CA SER C 158 31.20 -46.93 -3.94
C SER C 158 30.13 -46.06 -3.27
N GLU C 159 29.80 -44.95 -3.94
CA GLU C 159 28.82 -43.98 -3.44
C GLU C 159 27.44 -44.57 -3.16
N ARG C 160 26.79 -44.05 -2.13
CA ARG C 160 25.45 -44.49 -1.72
C ARG C 160 24.59 -43.27 -1.40
N GLN C 161 23.43 -43.19 -2.03
CA GLN C 161 22.53 -42.07 -1.85
C GLN C 161 21.47 -42.23 -0.77
N ASN C 162 20.68 -43.29 -0.89
CA ASN C 162 19.62 -43.53 0.07
C ASN C 162 20.14 -43.76 1.48
N GLY C 163 19.41 -43.26 2.47
CA GLY C 163 19.83 -43.42 3.86
C GLY C 163 20.54 -42.20 4.42
N VAL C 164 20.67 -41.17 3.60
CA VAL C 164 21.35 -39.93 3.98
C VAL C 164 20.38 -38.83 4.41
N LEU C 165 20.72 -38.16 5.50
CA LEU C 165 19.93 -37.06 6.05
C LEU C 165 20.84 -35.89 6.37
N ASN C 166 20.56 -34.75 5.78
CA ASN C 166 21.39 -33.60 6.05
C ASN C 166 20.70 -32.48 6.83
N SER C 167 21.51 -31.73 7.56
CA SER C 167 21.06 -30.60 8.35
C SER C 167 22.13 -29.53 8.17
N TRP C 168 21.71 -28.27 8.17
CA TRP C 168 22.60 -27.12 7.95
C TRP C 168 22.37 -25.98 8.94
N THR C 169 23.42 -25.50 9.61
CA THR C 169 23.25 -24.40 10.57
C THR C 169 23.16 -23.12 9.76
N ASP C 170 22.71 -22.05 10.40
CA ASP C 170 22.63 -20.76 9.72
C ASP C 170 23.97 -20.12 9.92
N GLN C 171 24.22 -19.00 9.26
CA GLN C 171 25.50 -18.34 9.42
C GLN C 171 25.72 -18.01 10.89
N ASP C 172 26.88 -18.35 11.43
CA ASP C 172 27.17 -18.10 12.83
C ASP C 172 27.17 -16.62 13.19
N SER C 173 26.88 -16.31 14.45
CA SER C 173 26.81 -14.93 14.95
C SER C 173 28.15 -14.42 15.45
N LYS C 174 29.18 -15.24 15.33
CA LYS C 174 30.50 -14.85 15.78
C LYS C 174 31.53 -15.22 14.70
N ASP C 175 31.30 -16.35 14.03
CA ASP C 175 32.17 -16.85 12.96
C ASP C 175 31.78 -16.34 11.59
N SER C 176 30.49 -16.11 11.39
CA SER C 176 29.97 -15.71 10.09
C SER C 176 30.18 -16.97 9.23
N THR C 177 30.48 -18.05 9.95
CA THR C 177 30.77 -19.35 9.39
C THR C 177 29.49 -20.17 9.19
N TYR C 178 29.66 -21.34 8.55
CA TYR C 178 28.59 -22.28 8.27
C TYR C 178 29.03 -23.70 8.67
N SER C 179 28.08 -24.52 9.07
CA SER C 179 28.37 -25.89 9.45
C SER C 179 27.31 -26.81 8.85
N MET C 180 27.64 -28.11 8.82
CA MET C 180 26.75 -29.12 8.25
C MET C 180 26.91 -30.46 8.96
N SER C 181 25.84 -31.26 8.99
CA SER C 181 25.90 -32.58 9.59
C SER C 181 25.19 -33.55 8.66
N SER C 182 25.82 -34.68 8.39
CA SER C 182 25.26 -35.67 7.51
C SER C 182 25.22 -37.01 8.19
N THR C 183 24.09 -37.70 8.05
CA THR C 183 23.93 -38.99 8.69
C THR C 183 23.48 -40.10 7.74
N LEU C 184 24.30 -41.13 7.59
CA LEU C 184 23.93 -42.26 6.73
C LEU C 184 23.42 -43.38 7.63
N THR C 185 22.12 -43.64 7.61
CA THR C 185 21.57 -44.69 8.44
C THR C 185 21.27 -46.00 7.69
N LEU C 186 21.87 -47.07 8.17
CA LEU C 186 21.74 -48.40 7.57
C LEU C 186 21.30 -49.38 8.65
N THR C 187 21.09 -50.61 8.23
CA THR C 187 20.71 -51.67 9.15
C THR C 187 22.00 -52.22 9.76
N LYS C 188 21.94 -52.68 11.00
CA LYS C 188 23.13 -53.25 11.63
C LYS C 188 23.67 -54.33 10.72
N ASP C 189 22.77 -55.09 10.11
CA ASP C 189 23.17 -56.16 9.22
C ASP C 189 23.83 -55.65 7.95
N GLU C 190 23.26 -54.63 7.34
CA GLU C 190 23.87 -54.10 6.12
C GLU C 190 25.18 -53.37 6.45
N TYR C 191 25.22 -52.80 7.63
CA TYR C 191 26.39 -52.07 8.11
C TYR C 191 27.55 -53.03 8.32
N GLU C 192 27.26 -54.22 8.85
CA GLU C 192 28.30 -55.20 9.10
C GLU C 192 28.70 -56.02 7.88
N ARG C 193 27.94 -55.87 6.80
CA ARG C 193 28.26 -56.60 5.59
C ARG C 193 29.45 -55.96 4.87
N HIS C 194 29.70 -54.69 5.15
CA HIS C 194 30.81 -53.95 4.55
C HIS C 194 31.85 -53.52 5.59
N ASN C 195 33.01 -53.09 5.13
CA ASN C 195 34.09 -52.70 6.05
C ASN C 195 34.55 -51.24 5.97
N SER C 196 34.40 -50.61 4.82
CA SER C 196 34.84 -49.23 4.64
C SER C 196 33.73 -48.20 4.49
N TYR C 197 33.81 -47.15 5.31
CA TYR C 197 32.84 -46.06 5.28
C TYR C 197 33.56 -44.72 5.10
N THR C 198 33.26 -44.04 4.00
CA THR C 198 33.89 -42.76 3.65
C THR C 198 32.88 -41.63 3.46
N CYS C 199 33.28 -40.42 3.86
CA CYS C 199 32.45 -39.22 3.73
C CYS C 199 33.23 -38.18 2.93
N GLU C 200 32.83 -37.96 1.69
CA GLU C 200 33.47 -36.99 0.79
C GLU C 200 32.88 -35.60 0.89
N ALA C 201 33.74 -34.60 1.02
CA ALA C 201 33.30 -33.23 1.13
C ALA C 201 33.89 -32.41 0.00
N THR C 202 33.03 -31.99 -0.92
CA THR C 202 33.49 -31.17 -2.02
C THR C 202 33.18 -29.75 -1.61
N HIS C 203 34.22 -28.93 -1.46
CA HIS C 203 34.06 -27.56 -1.05
C HIS C 203 35.00 -26.65 -1.83
N LYS C 204 34.69 -25.36 -1.85
CA LYS C 204 35.51 -24.39 -2.57
C LYS C 204 36.95 -24.23 -2.06
N THR C 205 37.14 -24.32 -0.75
CA THR C 205 38.47 -24.16 -0.16
C THR C 205 39.52 -25.14 -0.67
N SER C 206 39.07 -26.26 -1.24
CA SER C 206 40.00 -27.24 -1.75
C SER C 206 39.66 -27.79 -3.12
N THR C 207 40.67 -28.28 -3.82
CA THR C 207 40.51 -28.85 -5.14
C THR C 207 40.09 -30.31 -5.07
N SER C 208 40.72 -31.02 -4.15
CA SER C 208 40.43 -32.43 -3.94
C SER C 208 39.41 -32.56 -2.82
N PRO C 209 38.43 -33.46 -2.99
CA PRO C 209 37.40 -33.65 -1.96
C PRO C 209 38.04 -33.98 -0.60
N ILE C 210 37.52 -33.38 0.46
CA ILE C 210 38.07 -33.63 1.78
C ILE C 210 37.50 -35.00 2.14
N VAL C 211 38.39 -35.89 2.55
CA VAL C 211 38.00 -37.26 2.86
C VAL C 211 38.30 -37.76 4.27
N LYS C 212 37.30 -38.42 4.84
CA LYS C 212 37.40 -39.00 6.18
C LYS C 212 36.71 -40.36 6.10
N SER C 213 37.27 -41.36 6.78
CA SER C 213 36.73 -42.71 6.76
C SER C 213 37.18 -43.56 7.94
N PHE C 214 36.56 -44.73 8.08
CA PHE C 214 36.91 -45.66 9.14
C PHE C 214 36.55 -47.06 8.69
N ASN C 215 37.14 -48.07 9.33
CA ASN C 215 36.90 -49.48 8.99
C ASN C 215 36.50 -50.29 10.21
N ARG C 216 35.97 -51.49 9.98
CA ARG C 216 35.54 -52.42 11.04
C ARG C 216 35.05 -51.68 12.30
N GLN D 1 2.47 1.23 22.59
CA GLN D 1 1.73 0.12 23.28
C GLN D 1 0.85 -0.70 22.33
N VAL D 2 1.07 -0.58 21.02
CA VAL D 2 0.27 -1.38 20.07
C VAL D 2 0.86 -2.77 20.05
N GLN D 3 0.12 -3.71 20.61
CA GLN D 3 0.58 -5.08 20.67
C GLN D 3 -0.47 -6.08 20.20
N LEU D 4 0.00 -7.12 19.53
CA LEU D 4 -0.87 -8.19 19.05
C LEU D 4 -0.33 -9.48 19.64
N GLN D 5 -1.16 -10.16 20.44
CA GLN D 5 -0.75 -11.39 21.11
C GLN D 5 -1.51 -12.60 20.58
N GLN D 6 -0.82 -13.45 19.82
CA GLN D 6 -1.44 -14.64 19.26
C GLN D 6 -1.46 -15.77 20.29
N SER D 7 -2.34 -16.74 20.11
CA SER D 7 -2.41 -17.87 21.03
C SER D 7 -1.07 -18.58 20.94
N GLY D 8 -0.91 -19.70 21.62
CA GLY D 8 0.36 -20.40 21.58
C GLY D 8 0.45 -21.50 20.53
N PRO D 9 1.58 -22.23 20.47
CA PRO D 9 1.84 -23.32 19.52
C PRO D 9 0.88 -24.47 19.72
N GLU D 10 0.46 -25.10 18.64
CA GLU D 10 -0.47 -26.22 18.73
C GLU D 10 0.00 -27.41 17.90
N LEU D 11 -0.16 -28.61 18.45
CA LEU D 11 0.20 -29.83 17.74
C LEU D 11 -1.12 -30.55 17.52
N VAL D 12 -1.50 -30.72 16.26
CA VAL D 12 -2.79 -31.33 15.95
C VAL D 12 -2.71 -32.54 15.02
N ARG D 13 -3.75 -33.38 15.09
CA ARG D 13 -3.85 -34.58 14.26
C ARG D 13 -4.57 -34.29 12.94
N PRO D 14 -4.23 -35.02 11.88
CA PRO D 14 -4.85 -34.80 10.58
C PRO D 14 -6.36 -35.04 10.68
N GLY D 15 -7.12 -34.15 10.03
CA GLY D 15 -8.56 -34.26 10.06
C GLY D 15 -9.12 -33.19 10.97
N ALA D 16 -8.44 -32.97 12.08
CA ALA D 16 -8.86 -31.97 13.06
C ALA D 16 -8.82 -30.57 12.49
N SER D 17 -9.20 -29.62 13.32
CA SER D 17 -9.19 -28.22 12.95
C SER D 17 -8.63 -27.44 14.14
N VAL D 18 -8.05 -26.26 13.88
CA VAL D 18 -7.51 -25.43 14.96
C VAL D 18 -7.95 -24.00 14.85
N LYS D 19 -8.04 -23.33 15.99
CA LYS D 19 -8.43 -21.94 16.01
C LYS D 19 -7.35 -21.14 16.71
N ILE D 20 -6.72 -20.24 15.96
CA ILE D 20 -5.63 -19.45 16.51
C ILE D 20 -6.14 -18.06 16.87
N SER D 21 -5.84 -17.61 18.09
CA SER D 21 -6.30 -16.29 18.53
C SER D 21 -5.27 -15.20 18.27
N CYS D 22 -5.71 -13.94 18.25
CA CYS D 22 -4.80 -12.81 18.02
C CYS D 22 -5.36 -11.60 18.75
N LYS D 23 -5.15 -11.58 20.07
CA LYS D 23 -5.63 -10.49 20.92
C LYS D 23 -4.86 -9.21 20.66
N ALA D 24 -5.57 -8.13 20.38
CA ALA D 24 -4.94 -6.85 20.10
C ALA D 24 -5.17 -5.86 21.22
N SER D 25 -4.26 -4.87 21.28
CA SER D 25 -4.30 -3.82 22.28
C SER D 25 -3.45 -2.67 21.79
N GLY D 26 -3.78 -1.46 22.24
CA GLY D 26 -3.01 -0.29 21.85
C GLY D 26 -3.62 0.58 20.75
N TYR D 27 -4.74 0.16 20.20
CA TYR D 27 -5.37 0.94 19.15
C TYR D 27 -6.84 0.58 19.13
N THR D 28 -7.65 1.36 18.41
CA THR D 28 -9.07 1.04 18.31
C THR D 28 -9.24 -0.18 17.41
N PHE D 29 -9.29 -1.35 18.03
CA PHE D 29 -9.43 -2.61 17.33
C PHE D 29 -10.38 -2.61 16.11
N THR D 30 -11.62 -2.17 16.32
CA THR D 30 -12.65 -2.18 15.28
C THR D 30 -12.37 -1.46 13.96
N ASP D 31 -11.40 -0.53 13.94
CA ASP D 31 -11.14 0.22 12.71
C ASP D 31 -9.96 -0.11 11.82
N TYR D 32 -9.25 -1.22 12.09
CA TYR D 32 -8.12 -1.58 11.25
C TYR D 32 -8.11 -3.04 10.82
N TYR D 33 -7.88 -3.26 9.52
CA TYR D 33 -7.82 -4.60 8.96
C TYR D 33 -6.77 -5.49 9.64
N ILE D 34 -7.11 -6.76 9.75
CA ILE D 34 -6.20 -7.71 10.35
C ILE D 34 -5.95 -8.74 9.26
N ASN D 35 -4.67 -8.93 8.95
CA ASN D 35 -4.27 -9.85 7.90
C ASN D 35 -3.76 -11.14 8.50
N TRP D 36 -3.90 -12.22 7.76
CA TRP D 36 -3.38 -13.48 8.22
C TRP D 36 -2.41 -14.02 7.19
N VAL D 37 -1.19 -14.32 7.65
CA VAL D 37 -0.13 -14.81 6.78
C VAL D 37 0.38 -16.18 7.23
N LYS D 38 0.69 -17.02 6.25
CA LYS D 38 1.21 -18.35 6.51
C LYS D 38 2.65 -18.47 6.02
N GLN D 39 3.51 -19.02 6.87
CA GLN D 39 4.88 -19.19 6.49
C GLN D 39 5.35 -20.65 6.70
N ARG D 40 5.62 -21.34 5.61
CA ARG D 40 6.12 -22.71 5.70
C ARG D 40 7.62 -22.53 5.52
N PRO D 41 8.42 -23.35 6.22
CA PRO D 41 9.89 -23.37 6.21
C PRO D 41 10.60 -23.17 4.87
N GLY D 42 9.99 -23.63 3.78
CA GLY D 42 10.64 -23.49 2.50
C GLY D 42 9.94 -22.64 1.46
N GLN D 43 8.71 -22.21 1.74
CA GLN D 43 7.96 -21.40 0.79
C GLN D 43 7.60 -20.00 1.27
N GLY D 44 8.59 -19.11 1.33
CA GLY D 44 8.40 -17.73 1.75
C GLY D 44 7.22 -17.36 2.64
N LEU D 45 6.47 -16.35 2.22
CA LEU D 45 5.29 -15.90 2.95
C LEU D 45 4.10 -16.07 2.06
N GLU D 46 2.93 -16.25 2.66
CA GLU D 46 1.74 -16.45 1.88
C GLU D 46 0.55 -15.80 2.56
N TRP D 47 -0.21 -15.02 1.79
CA TRP D 47 -1.32 -14.31 2.36
C TRP D 47 -2.62 -15.11 2.34
N ILE D 48 -3.16 -15.37 3.54
CA ILE D 48 -4.40 -16.12 3.70
C ILE D 48 -5.60 -15.21 3.42
N GLY D 49 -5.64 -14.04 4.06
CA GLY D 49 -6.75 -13.11 3.85
C GLY D 49 -6.88 -12.14 4.99
N TRP D 50 -7.89 -11.27 4.96
CA TRP D 50 -8.10 -10.29 6.04
C TRP D 50 -9.54 -10.17 6.46
N ILE D 51 -9.75 -9.52 7.60
CA ILE D 51 -11.08 -9.30 8.18
C ILE D 51 -11.12 -7.88 8.73
N PHE D 52 -12.25 -7.22 8.58
CA PHE D 52 -12.43 -5.86 9.11
C PHE D 52 -13.23 -6.01 10.40
N PRO D 53 -12.57 -5.88 11.55
CA PRO D 53 -13.23 -6.02 12.85
C PRO D 53 -14.61 -5.39 12.99
N ARG D 54 -14.73 -4.11 12.65
CA ARG D 54 -16.00 -3.43 12.80
C ARG D 54 -17.18 -4.23 12.28
N ASN D 55 -17.31 -4.35 10.97
CA ASN D 55 -18.43 -5.09 10.41
C ASN D 55 -18.15 -6.55 10.03
N GLY D 56 -17.03 -7.07 10.48
CA GLY D 56 -16.70 -8.46 10.18
C GLY D 56 -16.62 -8.89 8.72
N ASN D 57 -16.43 -7.94 7.80
CA ASN D 57 -16.32 -8.31 6.39
C ASN D 57 -14.97 -9.01 6.27
N THR D 58 -14.78 -9.80 5.23
CA THR D 58 -13.52 -10.53 5.08
C THR D 58 -13.25 -10.97 3.65
N LYS D 59 -11.98 -10.92 3.26
CA LYS D 59 -11.62 -11.37 1.92
C LYS D 59 -10.56 -12.44 2.07
N TYR D 60 -10.70 -13.53 1.33
CA TYR D 60 -9.75 -14.62 1.39
C TYR D 60 -9.01 -14.78 0.08
N ASN D 61 -7.82 -15.38 0.18
CA ASN D 61 -7.00 -15.68 -0.97
C ASN D 61 -7.59 -16.97 -1.49
N GLU D 62 -7.95 -17.03 -2.77
CA GLU D 62 -8.56 -18.24 -3.34
C GLU D 62 -8.01 -19.57 -2.84
N LYS D 63 -6.69 -19.66 -2.68
CA LYS D 63 -6.04 -20.88 -2.23
C LYS D 63 -6.46 -21.37 -0.86
N PHE D 64 -7.03 -20.48 -0.05
CA PHE D 64 -7.48 -20.84 1.31
C PHE D 64 -9.00 -20.85 1.40
N LYS D 65 -9.63 -21.15 0.26
CA LYS D 65 -11.08 -21.24 0.10
C LYS D 65 -11.79 -21.69 1.36
N GLY D 66 -11.96 -23.00 1.50
CA GLY D 66 -12.64 -23.55 2.64
C GLY D 66 -11.68 -24.03 3.71
N LYS D 67 -10.47 -23.50 3.68
CA LYS D 67 -9.47 -23.90 4.65
C LYS D 67 -9.53 -23.02 5.89
N ALA D 68 -9.24 -21.74 5.70
CA ALA D 68 -9.24 -20.80 6.82
C ALA D 68 -10.51 -19.98 6.90
N THR D 69 -10.95 -19.70 8.12
CA THR D 69 -12.16 -18.91 8.37
C THR D 69 -11.84 -17.84 9.40
N LEU D 70 -11.90 -16.59 8.97
CA LEU D 70 -11.59 -15.50 9.87
C LEU D 70 -12.85 -15.03 10.56
N THR D 71 -12.69 -14.73 11.84
CA THR D 71 -13.78 -14.25 12.66
C THR D 71 -13.23 -13.23 13.66
N VAL D 72 -14.12 -12.49 14.32
CA VAL D 72 -13.68 -11.49 15.27
C VAL D 72 -14.61 -11.36 16.48
N ASP D 73 -14.01 -11.15 17.65
CA ASP D 73 -14.78 -10.95 18.88
C ASP D 73 -14.47 -9.53 19.34
N LYS D 74 -15.34 -8.59 18.98
CA LYS D 74 -15.19 -7.19 19.33
C LYS D 74 -15.01 -7.00 20.82
N SER D 75 -15.73 -7.81 21.60
CA SER D 75 -15.67 -7.73 23.05
C SER D 75 -14.33 -8.13 23.65
N SER D 76 -13.42 -8.68 22.84
CA SER D 76 -12.13 -9.09 23.36
C SER D 76 -11.01 -8.41 22.59
N SER D 77 -11.39 -7.72 21.52
CA SER D 77 -10.41 -7.08 20.64
C SER D 77 -9.54 -8.23 20.16
N THR D 78 -10.19 -9.37 19.92
CA THR D 78 -9.50 -10.57 19.49
C THR D 78 -9.94 -11.04 18.12
N ALA D 79 -8.98 -11.48 17.33
CA ALA D 79 -9.28 -11.99 16.00
C ALA D 79 -8.89 -13.47 16.02
N PHE D 80 -9.65 -14.29 15.31
CA PHE D 80 -9.36 -15.71 15.26
C PHE D 80 -9.27 -16.18 13.82
N MET D 81 -8.46 -17.20 13.59
CA MET D 81 -8.33 -17.78 12.27
C MET D 81 -8.53 -19.26 12.51
N GLN D 82 -9.39 -19.88 11.73
CA GLN D 82 -9.67 -21.30 11.91
C GLN D 82 -9.39 -22.12 10.66
N LEU D 83 -8.41 -23.00 10.77
CA LEU D 83 -8.05 -23.89 9.68
C LEU D 83 -8.75 -25.21 10.01
N SER D 84 -9.47 -25.75 9.04
CA SER D 84 -10.20 -26.99 9.24
C SER D 84 -9.69 -28.10 8.35
N SER D 85 -10.02 -29.34 8.71
CA SER D 85 -9.61 -30.50 7.93
C SER D 85 -8.11 -30.46 7.73
N LEU D 86 -7.38 -30.17 8.80
CA LEU D 86 -5.92 -30.08 8.76
C LEU D 86 -5.21 -31.26 8.10
N THR D 87 -4.21 -30.96 7.29
CA THR D 87 -3.38 -31.96 6.62
C THR D 87 -1.95 -31.59 6.95
N SER D 88 -0.97 -32.39 6.52
CA SER D 88 0.42 -32.08 6.84
C SER D 88 0.99 -30.93 6.02
N GLU D 89 0.20 -30.44 5.07
CA GLU D 89 0.64 -29.33 4.24
C GLU D 89 0.20 -28.03 4.90
N ASP D 90 -0.52 -28.16 6.01
CA ASP D 90 -0.97 -26.99 6.75
C ASP D 90 0.02 -26.68 7.87
N SER D 91 0.95 -27.59 8.13
CA SER D 91 1.95 -27.36 9.16
C SER D 91 2.75 -26.14 8.75
N ALA D 92 2.70 -25.09 9.55
CA ALA D 92 3.42 -23.87 9.24
C ALA D 92 3.26 -22.88 10.37
N VAL D 93 3.74 -21.66 10.16
CA VAL D 93 3.59 -20.65 11.19
C VAL D 93 2.49 -19.70 10.72
N TYR D 94 1.59 -19.33 11.63
CA TYR D 94 0.50 -18.44 11.24
C TYR D 94 0.51 -17.09 11.95
N PHE D 95 0.86 -16.06 11.17
CA PHE D 95 0.93 -14.70 11.67
C PHE D 95 -0.37 -13.94 11.45
N CYS D 96 -0.61 -12.94 12.31
CA CYS D 96 -1.74 -12.06 12.18
C CYS D 96 -1.08 -10.68 12.24
N ALA D 97 -1.24 -9.91 11.17
CA ALA D 97 -0.64 -8.59 11.11
C ALA D 97 -1.69 -7.60 10.70
N THR D 98 -1.88 -6.59 11.54
CA THR D 98 -2.85 -5.55 11.27
C THR D 98 -2.21 -4.41 10.48
N THR D 99 -3.06 -3.63 9.84
CA THR D 99 -2.62 -2.48 9.06
C THR D 99 -3.10 -1.27 9.84
N VAL D 100 -2.23 -0.64 10.59
CA VAL D 100 -2.64 0.54 11.34
C VAL D 100 -2.42 1.77 10.47
N SER D 101 -1.18 2.00 10.04
CA SER D 101 -0.89 3.14 9.18
C SER D 101 -0.60 2.63 7.79
N TYR D 102 0.28 1.63 7.70
CA TYR D 102 0.64 1.07 6.39
C TYR D 102 0.54 -0.46 6.46
N VAL D 103 0.21 -1.06 5.33
CA VAL D 103 -0.01 -2.52 5.25
C VAL D 103 0.87 -3.39 6.12
N MET D 104 0.20 -4.11 7.01
CA MET D 104 0.86 -5.02 7.93
C MET D 104 2.11 -4.41 8.57
N ASP D 105 1.92 -3.30 9.27
CA ASP D 105 3.00 -2.59 9.95
C ASP D 105 3.19 -3.10 11.37
N TYR D 106 2.26 -3.95 11.83
CA TYR D 106 2.37 -4.57 13.17
C TYR D 106 2.03 -6.04 13.07
N TRP D 107 2.99 -6.88 13.45
CA TRP D 107 2.81 -8.32 13.36
C TRP D 107 2.65 -9.10 14.67
N GLY D 108 1.90 -10.20 14.59
CA GLY D 108 1.71 -11.05 15.75
C GLY D 108 2.98 -11.85 15.98
N GLN D 109 2.99 -12.69 17.02
CA GLN D 109 4.18 -13.49 17.37
C GLN D 109 4.53 -14.67 16.45
N GLY D 110 3.56 -15.16 15.68
CA GLY D 110 3.85 -16.27 14.79
C GLY D 110 3.72 -17.65 15.41
N THR D 111 2.48 -18.02 15.70
CA THR D 111 2.16 -19.32 16.27
C THR D 111 2.62 -20.41 15.30
N THR D 112 2.91 -21.59 15.82
CA THR D 112 3.38 -22.68 14.97
C THR D 112 2.52 -23.94 15.03
N VAL D 113 1.71 -24.15 14.00
CA VAL D 113 0.85 -25.32 13.97
C VAL D 113 1.51 -26.53 13.31
N THR D 114 1.59 -27.62 14.07
CA THR D 114 2.19 -28.86 13.58
C THR D 114 1.16 -29.98 13.51
N VAL D 115 0.88 -30.47 12.31
CA VAL D 115 -0.09 -31.56 12.14
C VAL D 115 0.70 -32.83 11.90
N SER D 116 0.47 -33.81 12.77
CA SER D 116 1.14 -35.09 12.73
C SER D 116 0.31 -36.15 13.44
N SER D 117 0.31 -37.38 12.94
CA SER D 117 -0.44 -38.44 13.60
C SER D 117 0.49 -39.16 14.55
N ALA D 118 1.72 -38.65 14.64
CA ALA D 118 2.74 -39.20 15.51
C ALA D 118 2.24 -39.30 16.94
N LYS D 119 3.05 -39.95 17.76
CA LYS D 119 2.78 -40.22 19.16
C LYS D 119 4.02 -39.79 19.93
N THR D 120 3.85 -39.37 21.17
CA THR D 120 4.97 -38.90 21.94
C THR D 120 6.02 -39.98 22.10
N THR D 121 7.26 -39.69 21.68
CA THR D 121 8.37 -40.71 21.79
C THR D 121 9.74 -40.16 22.17
N PRO D 122 10.44 -40.91 23.04
CA PRO D 122 11.77 -40.69 23.63
C PRO D 122 12.93 -40.74 22.63
N PRO D 123 13.88 -39.85 22.79
CA PRO D 123 15.02 -39.85 21.90
C PRO D 123 15.91 -41.02 22.26
N SER D 124 16.76 -41.42 21.34
CA SER D 124 17.71 -42.49 21.58
C SER D 124 19.02 -41.77 21.51
N VAL D 125 19.57 -41.39 22.66
CA VAL D 125 20.80 -40.66 22.62
C VAL D 125 21.97 -41.59 22.52
N TYR D 126 22.64 -41.55 21.37
CA TYR D 126 23.80 -42.39 21.15
C TYR D 126 25.02 -41.49 21.13
N PRO D 127 26.10 -41.93 21.77
CA PRO D 127 27.32 -41.13 21.80
C PRO D 127 28.06 -41.24 20.47
N LEU D 128 28.72 -40.17 20.06
CA LEU D 128 29.48 -40.16 18.84
C LEU D 128 30.92 -39.89 19.25
N ALA D 129 31.68 -40.97 19.39
CA ALA D 129 33.06 -40.87 19.81
C ALA D 129 33.99 -41.20 18.67
N PRO D 130 35.13 -40.50 18.63
CA PRO D 130 36.19 -40.66 17.62
C PRO D 130 36.50 -42.11 17.33
N GLY D 131 36.54 -42.44 16.04
CA GLY D 131 36.84 -43.80 15.64
C GLY D 131 38.24 -44.18 16.08
N SER D 132 39.19 -44.07 15.16
CA SER D 132 40.59 -44.41 15.47
C SER D 132 41.34 -43.14 15.91
N ALA D 133 41.22 -42.80 17.20
CA ALA D 133 41.87 -41.61 17.77
C ALA D 133 43.28 -41.90 18.25
N ASN D 137 47.20 -35.61 17.15
CA ASN D 137 46.10 -34.66 16.95
C ASN D 137 46.04 -33.66 18.10
N SER D 138 45.19 -32.64 17.96
CA SER D 138 45.06 -31.64 19.01
C SER D 138 43.63 -31.38 19.48
N MET D 139 42.79 -30.84 18.61
CA MET D 139 41.40 -30.59 18.98
C MET D 139 40.54 -31.77 18.55
N VAL D 140 39.74 -32.28 19.47
CA VAL D 140 38.87 -33.41 19.17
C VAL D 140 37.45 -32.94 19.02
N THR D 141 36.71 -33.64 18.18
CA THR D 141 35.31 -33.32 17.95
C THR D 141 34.47 -34.53 18.35
N LEU D 142 33.66 -34.35 19.36
CA LEU D 142 32.78 -35.40 19.84
C LEU D 142 31.37 -34.90 19.57
N GLY D 143 30.38 -35.80 19.65
CA GLY D 143 29.01 -35.39 19.42
C GLY D 143 28.02 -36.41 19.88
N CYS D 144 26.74 -36.05 19.84
CA CYS D 144 25.67 -36.96 20.24
C CYS D 144 24.61 -37.01 19.17
N LEU D 145 23.91 -38.13 19.08
CA LEU D 145 22.86 -38.31 18.10
C LEU D 145 21.54 -38.52 18.83
N VAL D 146 20.65 -37.55 18.77
CA VAL D 146 19.35 -37.68 19.42
C VAL D 146 18.41 -38.17 18.34
N LYS D 147 18.16 -39.48 18.34
CA LYS D 147 17.35 -40.11 17.31
C LYS D 147 15.91 -40.54 17.59
N GLY D 148 15.07 -40.43 16.55
CA GLY D 148 13.69 -40.84 16.62
C GLY D 148 12.78 -40.33 17.71
N TYR D 149 12.70 -39.02 17.91
CA TYR D 149 11.85 -38.47 18.95
C TYR D 149 10.66 -37.64 18.39
N PHE D 150 9.65 -37.41 19.23
CA PHE D 150 8.47 -36.63 18.82
C PHE D 150 7.60 -36.24 20.01
N PRO D 151 7.08 -35.01 20.04
CA PRO D 151 7.30 -33.95 19.05
C PRO D 151 8.50 -33.12 19.46
N GLU D 152 8.66 -31.96 18.83
CA GLU D 152 9.76 -31.07 19.19
C GLU D 152 9.35 -30.31 20.43
N PRO D 153 10.31 -29.76 21.18
CA PRO D 153 11.73 -29.82 20.86
C PRO D 153 12.47 -30.65 21.90
N VAL D 154 13.79 -30.65 21.78
CA VAL D 154 14.69 -31.32 22.71
C VAL D 154 15.69 -30.26 23.08
N THR D 155 16.38 -30.45 24.20
CA THR D 155 17.38 -29.48 24.61
C THR D 155 18.68 -30.23 24.82
N VAL D 156 19.72 -29.80 24.13
CA VAL D 156 21.01 -30.44 24.27
C VAL D 156 22.03 -29.47 24.88
N THR D 157 22.85 -29.98 25.77
CA THR D 157 23.88 -29.18 26.41
C THR D 157 25.04 -30.11 26.71
N TRP D 158 26.23 -29.54 26.86
CA TRP D 158 27.39 -30.37 27.17
C TRP D 158 27.89 -29.98 28.54
N ASN D 159 28.14 -31.00 29.36
CA ASN D 159 28.61 -30.83 30.73
C ASN D 159 27.73 -29.84 31.47
N SER D 160 26.43 -30.08 31.38
CA SER D 160 25.45 -29.26 32.05
C SER D 160 25.53 -27.78 31.69
N GLY D 161 26.13 -27.47 30.55
CA GLY D 161 26.23 -26.07 30.14
C GLY D 161 27.61 -25.47 30.32
N SER D 162 28.45 -26.09 31.16
CA SER D 162 29.79 -25.60 31.38
C SER D 162 30.44 -25.46 30.01
N LEU D 163 30.69 -26.61 29.40
CA LEU D 163 31.30 -26.64 28.08
C LEU D 163 30.30 -26.16 27.05
N SER D 164 30.22 -24.84 26.86
CA SER D 164 29.28 -24.28 25.90
C SER D 164 29.92 -23.77 24.62
N SER D 165 31.22 -23.45 24.66
CA SER D 165 31.88 -22.97 23.46
C SER D 165 32.24 -24.10 22.51
N GLY D 166 32.18 -23.82 21.21
CA GLY D 166 32.51 -24.84 20.24
C GLY D 166 31.35 -25.77 19.94
N VAL D 167 30.26 -25.60 20.66
CA VAL D 167 29.08 -26.44 20.47
C VAL D 167 28.32 -26.10 19.22
N HIS D 168 27.88 -27.12 18.49
CA HIS D 168 27.06 -26.95 17.29
C HIS D 168 25.86 -27.87 17.41
N THR D 169 24.66 -27.34 17.61
CA THR D 169 23.52 -28.21 17.66
C THR D 169 22.73 -27.95 16.39
N PHE D 170 22.62 -28.97 15.55
CA PHE D 170 21.93 -28.82 14.29
C PHE D 170 20.43 -29.00 14.37
N PRO D 171 19.71 -28.37 13.44
CA PRO D 171 18.25 -28.43 13.36
C PRO D 171 17.87 -29.88 13.15
N ALA D 172 16.74 -30.30 13.72
CA ALA D 172 16.28 -31.67 13.55
C ALA D 172 15.70 -31.87 12.16
N VAL D 173 15.65 -33.12 11.73
CA VAL D 173 15.06 -33.47 10.46
C VAL D 173 13.98 -34.46 10.79
N LEU D 174 12.99 -34.56 9.91
CA LEU D 174 11.87 -35.47 10.10
C LEU D 174 11.95 -36.71 9.21
N GLN D 175 12.24 -37.86 9.81
CA GLN D 175 12.30 -39.10 9.06
C GLN D 175 11.19 -40.01 9.54
N SER D 176 10.25 -40.31 8.67
CA SER D 176 9.15 -41.19 8.99
C SER D 176 8.38 -40.75 10.23
N ASP D 177 8.02 -39.47 10.26
CA ASP D 177 7.24 -38.87 11.36
C ASP D 177 7.96 -38.61 12.67
N LEU D 178 9.23 -38.97 12.77
CA LEU D 178 9.98 -38.74 13.98
C LEU D 178 11.14 -37.82 13.66
N TYR D 179 11.52 -36.99 14.61
CA TYR D 179 12.61 -36.04 14.43
C TYR D 179 13.96 -36.62 14.85
N THR D 180 15.03 -36.10 14.27
CA THR D 180 16.37 -36.55 14.60
C THR D 180 17.41 -35.44 14.46
N LEU D 181 18.06 -35.07 15.55
CA LEU D 181 19.10 -34.04 15.44
C LEU D 181 20.35 -34.54 16.12
N SER D 182 21.46 -33.91 15.76
CA SER D 182 22.75 -34.27 16.31
C SER D 182 23.41 -32.99 16.82
N SER D 183 24.32 -33.15 17.77
CA SER D 183 25.01 -32.02 18.33
C SER D 183 26.48 -32.36 18.41
N SER D 184 27.33 -31.43 18.00
CA SER D 184 28.76 -31.68 18.07
C SER D 184 29.42 -30.68 19.01
N VAL D 185 30.43 -31.16 19.71
CA VAL D 185 31.19 -30.34 20.64
C VAL D 185 32.65 -30.59 20.34
N THR D 186 33.45 -29.52 20.30
CA THR D 186 34.86 -29.66 19.97
C THR D 186 35.75 -29.27 21.14
N VAL D 187 36.58 -30.20 21.61
CA VAL D 187 37.44 -29.90 22.73
C VAL D 187 38.91 -30.30 22.47
N PRO D 188 39.86 -29.76 23.27
CA PRO D 188 41.28 -30.06 23.11
C PRO D 188 41.56 -31.53 23.40
N SER D 189 42.54 -32.11 22.71
CA SER D 189 42.89 -33.52 22.90
C SER D 189 43.40 -33.79 24.30
N SER D 190 44.18 -32.84 24.81
CA SER D 190 44.74 -32.99 26.14
C SER D 190 43.63 -33.13 27.19
N THR D 191 42.40 -32.80 26.82
CA THR D 191 41.26 -32.88 27.75
C THR D 191 40.25 -33.99 27.47
N TRP D 192 40.63 -34.98 26.67
CA TRP D 192 39.73 -36.08 26.36
C TRP D 192 40.52 -37.17 25.64
N PRO D 193 40.37 -38.43 26.07
CA PRO D 193 39.52 -38.87 27.19
C PRO D 193 39.89 -38.26 28.53
N SER D 194 41.08 -37.68 28.62
CA SER D 194 41.59 -37.06 29.85
C SER D 194 40.48 -36.78 30.88
N GLU D 195 39.55 -35.91 30.52
CA GLU D 195 38.41 -35.56 31.37
C GLU D 195 37.14 -35.99 30.63
N THR D 196 36.06 -36.24 31.36
CA THR D 196 34.80 -36.71 30.76
C THR D 196 33.98 -35.65 30.03
N VAL D 197 33.53 -36.01 28.83
CA VAL D 197 32.70 -35.10 28.04
C VAL D 197 31.31 -35.71 27.99
N THR D 198 30.30 -34.94 28.40
CA THR D 198 28.94 -35.46 28.42
C THR D 198 27.88 -34.56 27.78
N CYS D 199 26.95 -35.18 27.06
CA CYS D 199 25.86 -34.41 26.45
C CYS D 199 24.56 -34.67 27.20
N ASN D 200 23.87 -33.58 27.56
CA ASN D 200 22.62 -33.65 28.30
C ASN D 200 21.43 -33.42 27.39
N VAL D 201 20.69 -34.50 27.13
CA VAL D 201 19.53 -34.41 26.26
C VAL D 201 18.23 -34.40 27.05
N ALA D 202 17.40 -33.40 26.78
CA ALA D 202 16.13 -33.26 27.46
C ALA D 202 15.01 -33.21 26.43
N HIS D 203 13.94 -33.95 26.72
CA HIS D 203 12.77 -34.00 25.85
C HIS D 203 11.57 -33.87 26.79
N PRO D 204 11.06 -32.64 26.98
CA PRO D 204 9.92 -32.35 27.87
C PRO D 204 8.74 -33.29 27.67
N ALA D 205 8.23 -33.29 26.43
CA ALA D 205 7.08 -34.12 26.04
C ALA D 205 7.07 -35.50 26.68
N SER D 206 8.17 -36.24 26.55
CA SER D 206 8.26 -37.58 27.12
C SER D 206 8.94 -37.60 28.48
N SER D 207 9.05 -36.42 29.08
CA SER D 207 9.66 -36.26 30.40
C SER D 207 10.98 -36.99 30.58
N THR D 208 11.69 -37.28 29.50
CA THR D 208 12.95 -37.98 29.62
C THR D 208 14.15 -37.04 29.58
N LYS D 209 15.18 -37.41 30.33
CA LYS D 209 16.43 -36.66 30.40
C LYS D 209 17.53 -37.71 30.51
N VAL D 210 18.46 -37.70 29.54
CA VAL D 210 19.54 -38.66 29.52
C VAL D 210 20.87 -37.94 29.53
N ASP D 211 21.89 -38.58 30.11
CA ASP D 211 23.21 -38.00 30.17
C ASP D 211 24.19 -38.99 29.58
N LYS D 212 24.71 -38.71 28.39
CA LYS D 212 25.64 -39.65 27.79
C LYS D 212 27.10 -39.27 27.98
N LYS D 213 27.87 -40.22 28.51
CA LYS D 213 29.28 -40.01 28.71
C LYS D 213 29.91 -40.54 27.43
N ILE D 214 30.57 -39.64 26.73
CA ILE D 214 31.22 -39.97 25.47
C ILE D 214 32.43 -40.84 25.82
N VAL D 215 32.27 -42.14 25.59
CA VAL D 215 33.30 -43.14 25.88
C VAL D 215 34.25 -43.42 24.72
N PRO D 216 35.53 -43.69 25.01
CA PRO D 216 36.46 -43.97 23.92
C PRO D 216 35.92 -45.24 23.24
N ARG D 217 35.78 -45.20 21.92
CA ARG D 217 35.28 -46.36 21.16
C ARG D 217 36.14 -47.64 21.30
N ASP D 218 35.47 -48.73 21.67
CA ASP D 218 36.09 -50.04 21.88
C ASP D 218 37.51 -50.15 21.32
N THR E 1 7.65 38.61 -5.30
CA THR E 1 7.58 39.89 -6.05
C THR E 1 8.21 39.76 -7.43
N GLY E 2 7.54 40.31 -8.43
CA GLY E 2 8.06 40.24 -9.79
C GLY E 2 9.29 41.11 -9.99
N ALA E 3 9.44 42.11 -9.15
CA ALA E 3 10.57 43.03 -9.25
C ALA E 3 11.82 42.36 -8.72
N LEU E 4 11.63 41.24 -8.02
CA LEU E 4 12.72 40.48 -7.43
C LEU E 4 12.98 39.23 -8.25
N GLN E 5 11.91 38.51 -8.60
CA GLN E 5 11.99 37.27 -9.34
C GLN E 5 12.28 37.38 -10.82
N GLU E 6 11.82 38.45 -11.46
CA GLU E 6 12.04 38.62 -12.90
C GLU E 6 13.43 39.15 -13.26
N THR F 1 -5.41 -5.40 -0.43
CA THR F 1 -4.71 -4.21 -0.98
C THR F 1 -4.44 -3.19 0.11
N GLY F 2 -3.41 -2.37 -0.09
CA GLY F 2 -3.09 -1.34 0.89
C GLY F 2 -4.01 -0.16 0.64
N ALA F 3 -4.19 0.16 -0.63
CA ALA F 3 -5.07 1.25 -1.05
C ALA F 3 -6.43 1.11 -0.38
N LEU F 4 -6.70 -0.09 0.14
CA LEU F 4 -7.96 -0.36 0.83
C LEU F 4 -7.78 -0.35 2.36
N GLN F 5 -6.64 -0.86 2.80
CA GLN F 5 -6.36 -0.97 4.21
C GLN F 5 -5.75 0.27 4.90
N GLU F 6 -5.00 1.05 4.14
CA GLU F 6 -4.35 2.25 4.67
C GLU F 6 -5.29 3.46 4.64
#